data_7XT9
#
_entry.id   7XT9
#
_cell.length_a   1.00
_cell.length_b   1.00
_cell.length_c   1.00
_cell.angle_alpha   90.00
_cell.angle_beta   90.00
_cell.angle_gamma   90.00
#
_symmetry.space_group_name_H-M   'P 1'
#
loop_
_entity.id
_entity.type
_entity.pdbx_description
1 polymer 'Guanine nucleotide-binding protein G(s) subunit alpha isoforms short'
2 polymer 'Guanine nucleotide-binding protein G(I)/G(S)/G(T) subunit beta-1'
3 polymer 'Guanine nucleotide-binding protein G(I)/G(S)/G(O) subunit gamma-2'
4 polymer 'Soluble cytochrome b562,5-hydroxytryptamine receptor 4'
5 non-polymer CHOLESTEROL
6 non-polymer 'PALMITIC ACID'
7 non-polymer SEROTONIN
#
loop_
_entity_poly.entity_id
_entity_poly.type
_entity_poly.pdbx_seq_one_letter_code
_entity_poly.pdbx_strand_id
1 'polypeptide(L)'
;MGCLGNSKTEDQRNEEKAQREANKKIEKQLQKDKQVYRATHRLLLLGAGESGKNTIVKQMRILHVNGFNGEGGEEDPQAA
RSNSDGEKATKVQDIKNNLKEAIETIVAAMSNLVPPVELANPENQFRVDYILSVMNVPDFDFPPEFYEHAKALWEDEGVR
ACYERSNEYQLIDCAQYFLDKIDVIKQADYVPSDQDLLRCRVLTSGIFETKFQVDKVNFHMFDVGAQRDERRKWIQCFND
VTAIIFVVASSSYNMVIREDNQTNRLQAALKLFDSIWNNKWLRDTSVILFLNKQDLLAEKVLAGKSKIEDYFPEFARYTT
PEDATPEPGEDPRVTRAKYFIRDEFLRISTASGDGRHYCYPHFTCAVDTENIRRVFNDCRDIIQRMHLRQYELL
;
A
2 'polypeptide(L)'
;MGSLLQSELDQLRQEAEQLKNQIRDARKACADATLSQITNNIDPVGRIQMRTRRTLRGHLAKIYAMHWGTDSRLLVSASQ
DGKLIIWDSYTTNKVHAIPLRSSWVMTCAYAPSGNYVACGGLDNICSIYNLKTREGNVRVSRELAGHTGYLSCCRFLDDN
QIVTSSGDTTCALWDIETGQQTTTFTGHTGDVMSLSLAPDTRLFVSGACDASAKLWDVREGMCRQTFTGHESDINAICFF
PNGNAFATGSDDATCRLFDLRADQELMTYSHDNIICGITSVSFSKSGRLLLAGYDDFNCNVWDALKADRAGVLAGHDNRV
SCLGVTDDGMAVATGSWDSFLKIWN
;
B
3 'polypeptide(L)' MASNNTASIAQARKLVEQLKMEANIDRIKVSKAAADLMAYCEAHAKEDPLLTPVPASENPFREKKFFCAIL G
4 'polypeptide(L)'
;DYKDDDDAKLQTMHHHHHHHHHHADLEDNWETLNDNLKVIEKADNAAQVKDALTKMRAAALDAQKATPPKLEDKSPDSPE
MKDFRHGFDILVGQIDDALKLANEGKVKEAQAAAEQLKTTRNAYIQKYLASENLYFQGGTDKLDANVSSEEGFGSVEKVV
LLTFLSTVILMAILGNLLVMVAVCWDRQLRKIKTNYFIVSLAFADLLVSVLVMPFGAIELVQDIWIYGEVFCLVRTSLDV
LLTTASIFHLCCISLDRYYAICCQPLVYRNKMTPLRIALMLGGCWVIPTFISFLPIMQGWNNIGIIDLIEKRKFNQNSNS
TYCVFMVNKPYAITCSVVAFYIPFLLMVLAYYRIYVTAKEHAHQIQMLQRAGASSESRPQSADQHSTHRMRTETKAAKTL
CIIMGCFCLCWAPFFVTNIVDPFIDYTVPGQVWTAFLWLGYINSGLNPFLYAFLNKSFRRAFLIILCCDDERYRRPSILG
QTVPCSTTTINGSTHVLRDAVECGGQWESQCHPPATSPLVAAQPSDT
;
R
#
loop_
_chem_comp.id
_chem_comp.type
_chem_comp.name
_chem_comp.formula
CLR non-polymer CHOLESTEROL 'C27 H46 O'
PLM non-polymer 'PALMITIC ACID' 'C16 H32 O2'
SRO non-polymer SEROTONIN 'C10 H12 N2 O'
#
# COMPACT_ATOMS: atom_id res chain seq x y z
N THR A 9 -8.24 1.92 -45.52
CA THR A 9 -9.01 2.37 -44.32
C THR A 9 -8.19 3.36 -43.49
N GLU A 10 -8.00 4.57 -44.04
CA GLU A 10 -7.26 5.61 -43.34
C GLU A 10 -8.01 6.12 -42.11
N ASP A 11 -9.32 5.85 -42.02
CA ASP A 11 -10.06 6.22 -40.82
C ASP A 11 -9.48 5.54 -39.59
N GLN A 12 -9.03 4.29 -39.74
CA GLN A 12 -8.39 3.59 -38.63
C GLN A 12 -7.15 4.34 -38.17
N ARG A 13 -6.31 4.78 -39.12
CA ARG A 13 -5.11 5.51 -38.76
C ARG A 13 -5.44 6.84 -38.09
N ASN A 14 -6.45 7.55 -38.61
CA ASN A 14 -6.84 8.82 -38.00
C ASN A 14 -7.33 8.61 -36.57
N GLU A 15 -8.17 7.60 -36.35
CA GLU A 15 -8.66 7.32 -35.00
C GLU A 15 -7.52 6.91 -34.08
N GLU A 16 -6.56 6.13 -34.60
CA GLU A 16 -5.41 5.74 -33.80
C GLU A 16 -4.60 6.96 -33.39
N LYS A 17 -4.36 7.88 -34.33
CA LYS A 17 -3.61 9.09 -34.02
C LYS A 17 -4.34 9.92 -32.97
N ALA A 18 -5.66 10.06 -33.12
CA ALA A 18 -6.44 10.82 -32.13
C ALA A 18 -6.35 10.17 -30.76
N GLN A 19 -6.49 8.85 -30.70
CA GLN A 19 -6.43 8.15 -29.43
C GLN A 19 -5.06 8.33 -28.77
N ARG A 20 -3.98 8.21 -29.55
CA ARG A 20 -2.65 8.35 -28.98
C ARG A 20 -2.37 9.78 -28.52
N GLU A 21 -2.79 10.79 -29.29
CA GLU A 21 -2.56 12.16 -28.83
C GLU A 21 -3.37 12.46 -27.57
N ALA A 22 -4.60 11.95 -27.50
CA ALA A 22 -5.37 12.10 -26.27
C ALA A 22 -4.70 11.38 -25.10
N ASN A 23 -4.15 10.19 -25.36
CA ASN A 23 -3.46 9.44 -24.32
C ASN A 23 -2.27 10.23 -23.80
N LYS A 24 -1.48 10.81 -24.70
CA LYS A 24 -0.31 11.56 -24.26
C LYS A 24 -0.71 12.85 -23.53
N LYS A 25 -1.77 13.52 -23.99
CA LYS A 25 -2.26 14.70 -23.29
C LYS A 25 -2.69 14.35 -21.87
N ILE A 26 -3.39 13.23 -21.71
CA ILE A 26 -3.81 12.80 -20.37
C ILE A 26 -2.60 12.38 -19.53
N GLU A 27 -1.62 11.74 -20.17
CA GLU A 27 -0.47 11.23 -19.45
C GLU A 27 0.38 12.37 -18.90
N LYS A 28 0.54 13.45 -19.68
CA LYS A 28 1.30 14.58 -19.18
C LYS A 28 0.62 15.22 -17.97
N GLN A 29 -0.72 15.32 -18.00
CA GLN A 29 -1.45 15.85 -16.86
C GLN A 29 -1.32 14.93 -15.65
N LEU A 30 -1.38 13.62 -15.86
CA LEU A 30 -1.21 12.69 -14.76
C LEU A 30 0.19 12.80 -14.16
N GLN A 31 1.21 12.93 -15.01
CA GLN A 31 2.57 13.10 -14.51
C GLN A 31 2.70 14.40 -13.71
N LYS A 32 2.09 15.49 -14.20
CA LYS A 32 2.13 16.75 -13.46
C LYS A 32 1.45 16.62 -12.11
N ASP A 33 0.29 15.96 -12.06
CA ASP A 33 -0.40 15.77 -10.79
C ASP A 33 0.37 14.83 -9.87
N LYS A 34 1.18 13.94 -10.45
CA LYS A 34 1.94 12.99 -9.63
C LYS A 34 2.91 13.69 -8.70
N GLN A 35 3.61 14.71 -9.19
CA GLN A 35 4.59 15.41 -8.38
C GLN A 35 3.92 16.07 -7.17
N VAL A 36 2.79 16.73 -7.38
CA VAL A 36 2.08 17.35 -6.26
C VAL A 36 1.53 16.28 -5.33
N TYR A 37 1.10 15.14 -5.86
CA TYR A 37 0.55 14.09 -5.01
C TYR A 37 1.63 13.52 -4.08
N ARG A 38 2.82 13.24 -4.63
CA ARG A 38 3.90 12.72 -3.79
C ARG A 38 4.46 13.77 -2.85
N ALA A 39 4.48 15.03 -3.27
CA ALA A 39 5.00 16.10 -2.42
C ALA A 39 4.07 16.42 -1.26
N THR A 40 2.87 15.86 -1.24
CA THR A 40 1.87 16.15 -0.21
C THR A 40 1.75 14.99 0.76
N HIS A 41 1.56 15.30 2.04
CA HIS A 41 1.34 14.31 3.08
C HIS A 41 -0.12 14.38 3.52
N ARG A 42 -0.81 13.25 3.45
CA ARG A 42 -2.23 13.20 3.78
C ARG A 42 -2.41 12.85 5.26
N LEU A 43 -3.40 13.48 5.88
CA LEU A 43 -3.67 13.32 7.31
C LEU A 43 -5.14 13.03 7.52
N LEU A 44 -5.44 12.21 8.53
CA LEU A 44 -6.81 11.93 8.93
C LEU A 44 -7.06 12.56 10.30
N LEU A 45 -8.15 13.31 10.40
CA LEU A 45 -8.49 14.01 11.64
C LEU A 45 -9.68 13.32 12.29
N LEU A 46 -9.53 12.94 13.56
CA LEU A 46 -10.54 12.21 14.30
C LEU A 46 -10.75 12.88 15.65
N GLY A 47 -11.88 12.56 16.27
CA GLY A 47 -12.22 13.11 17.57
C GLY A 47 -13.71 13.37 17.70
N ALA A 48 -14.18 13.40 18.94
CA ALA A 48 -15.60 13.62 19.19
C ALA A 48 -16.00 15.04 18.77
N GLY A 49 -17.28 15.20 18.47
CA GLY A 49 -17.77 16.50 18.03
C GLY A 49 -17.57 17.59 19.06
N GLU A 50 -17.79 17.26 20.34
CA GLU A 50 -17.65 18.23 21.42
C GLU A 50 -16.19 18.60 21.68
N SER A 51 -15.24 17.90 21.09
CA SER A 51 -13.84 18.24 21.25
C SER A 51 -13.52 19.52 20.48
N GLY A 52 -12.29 20.01 20.67
CA GLY A 52 -11.85 21.22 20.00
C GLY A 52 -11.32 20.97 18.60
N LYS A 53 -11.78 19.89 17.97
CA LYS A 53 -11.34 19.57 16.62
C LYS A 53 -11.73 20.69 15.64
N ASN A 54 -12.95 21.20 15.77
CA ASN A 54 -13.40 22.25 14.86
C ASN A 54 -12.56 23.51 15.02
N THR A 55 -12.22 23.88 16.25
CA THR A 55 -11.39 25.06 16.46
C THR A 55 -10.00 24.87 15.87
N ILE A 56 -9.43 23.68 16.01
CA ILE A 56 -8.11 23.42 15.42
C ILE A 56 -8.20 23.52 13.90
N VAL A 57 -9.24 22.96 13.31
CA VAL A 57 -9.41 23.05 11.86
C VAL A 57 -9.53 24.52 11.44
N LYS A 58 -10.30 25.31 12.19
CA LYS A 58 -10.45 26.72 11.86
C LYS A 58 -9.11 27.44 11.93
N GLN A 59 -8.33 27.17 12.98
CA GLN A 59 -7.03 27.81 13.12
C GLN A 59 -6.10 27.45 11.97
N MET A 60 -6.08 26.18 11.58
CA MET A 60 -5.20 25.78 10.47
C MET A 60 -5.68 26.34 9.15
N ARG A 61 -7.00 26.53 8.99
CA ARG A 61 -7.51 27.20 7.80
C ARG A 61 -7.03 28.64 7.74
N ILE A 62 -7.05 29.34 8.88
CA ILE A 62 -6.63 30.73 8.93
C ILE A 62 -5.11 30.81 8.96
N THR A 204 -22.06 20.30 4.19
CA THR A 204 -22.40 19.20 5.09
C THR A 204 -21.88 17.87 4.54
N SER A 205 -20.82 17.94 3.75
CA SER A 205 -20.24 16.73 3.18
C SER A 205 -19.57 15.90 4.27
N GLY A 206 -19.37 14.62 3.99
CA GLY A 206 -18.78 13.72 4.97
C GLY A 206 -17.29 13.93 5.16
N ILE A 207 -16.66 14.68 4.26
CA ILE A 207 -15.24 14.97 4.32
C ILE A 207 -15.04 16.47 4.15
N PHE A 208 -14.36 17.08 5.12
CA PHE A 208 -13.99 18.49 5.04
C PHE A 208 -12.47 18.58 4.89
N GLU A 209 -12.00 18.78 3.67
CA GLU A 209 -10.58 18.84 3.39
C GLU A 209 -10.04 20.24 3.67
N THR A 210 -8.80 20.30 4.13
CA THR A 210 -8.15 21.57 4.46
C THR A 210 -6.76 21.60 3.82
N LYS A 211 -6.36 22.80 3.40
CA LYS A 211 -5.07 23.00 2.76
C LYS A 211 -4.19 23.87 3.66
N PHE A 212 -3.01 23.36 4.01
CA PHE A 212 -2.04 24.14 4.76
C PHE A 212 -0.65 23.63 4.44
N GLN A 213 0.31 24.56 4.48
CA GLN A 213 1.68 24.29 4.06
C GLN A 213 2.64 24.73 5.16
N VAL A 214 3.66 23.91 5.41
CA VAL A 214 4.70 24.22 6.40
C VAL A 214 6.05 23.99 5.75
N ASP A 215 6.89 25.03 5.76
CA ASP A 215 8.23 24.94 5.19
C ASP A 215 8.19 24.41 3.76
N LYS A 216 7.24 24.92 2.98
CA LYS A 216 7.02 24.51 1.60
C LYS A 216 6.66 23.02 1.50
N VAL A 217 6.09 22.45 2.56
CA VAL A 217 5.61 21.07 2.55
C VAL A 217 4.09 21.10 2.63
N ASN A 218 3.44 20.48 1.65
CA ASN A 218 1.98 20.52 1.56
C ASN A 218 1.37 19.39 2.38
N PHE A 219 0.33 19.73 3.14
CA PHE A 219 -0.40 18.78 3.96
C PHE A 219 -1.88 18.86 3.63
N HIS A 220 -2.51 17.71 3.41
CA HIS A 220 -3.93 17.61 3.15
C HIS A 220 -4.58 16.87 4.32
N MET A 221 -5.32 17.60 5.14
CA MET A 221 -6.07 17.02 6.25
C MET A 221 -7.53 16.87 5.85
N PHE A 222 -8.15 15.75 6.22
CA PHE A 222 -9.53 15.45 5.88
C PHE A 222 -10.28 15.12 7.16
N ASP A 223 -11.13 16.03 7.61
CA ASP A 223 -12.00 15.78 8.77
C ASP A 223 -13.11 14.85 8.33
N VAL A 224 -13.25 13.71 8.99
CA VAL A 224 -14.22 12.69 8.61
C VAL A 224 -15.54 12.96 9.32
N GLY A 225 -15.68 14.14 9.93
CA GLY A 225 -16.92 14.49 10.57
C GLY A 225 -18.11 14.36 9.65
N ALA A 226 -19.29 14.40 10.24
CA ALA A 226 -20.56 14.21 9.54
C ALA A 226 -20.78 12.75 9.13
N GLN A 227 -19.85 11.87 9.49
CA GLN A 227 -20.00 10.45 9.25
C GLN A 227 -20.65 9.78 10.46
N ARG A 228 -21.33 8.68 10.20
CA ARG A 228 -21.97 7.92 11.28
C ARG A 228 -20.90 7.21 12.12
N ASP A 229 -21.30 6.84 13.33
CA ASP A 229 -20.40 6.20 14.28
C ASP A 229 -19.98 4.79 13.85
N GLU A 230 -20.51 4.27 12.75
CA GLU A 230 -20.10 2.97 12.22
C GLU A 230 -18.82 3.20 11.43
N ARG A 231 -17.69 3.14 12.12
CA ARG A 231 -16.41 3.54 11.56
C ARG A 231 -15.62 2.39 10.93
N ARG A 232 -16.04 1.15 11.15
CA ARG A 232 -15.17 0.02 10.81
C ARG A 232 -15.02 -0.16 9.30
N LYS A 233 -15.81 0.53 8.48
CA LYS A 233 -15.73 0.36 7.03
C LYS A 233 -14.94 1.47 6.35
N TRP A 234 -15.37 2.73 6.53
CA TRP A 234 -14.70 3.82 5.82
C TRP A 234 -13.30 4.06 6.37
N ILE A 235 -12.98 3.55 7.56
CA ILE A 235 -11.66 3.77 8.14
C ILE A 235 -10.59 3.11 7.27
N GLN A 236 -10.95 2.07 6.52
CA GLN A 236 -9.98 1.39 5.69
C GLN A 236 -9.40 2.31 4.62
N CYS A 237 -10.14 3.36 4.25
CA CYS A 237 -9.69 4.25 3.19
C CYS A 237 -8.42 4.99 3.59
N PHE A 238 -8.22 5.23 4.89
CA PHE A 238 -7.11 6.04 5.37
C PHE A 238 -5.94 5.20 5.87
N ASN A 239 -5.77 3.98 5.34
CA ASN A 239 -4.67 3.13 5.76
C ASN A 239 -3.31 3.62 5.26
N ASP A 240 -3.29 4.51 4.27
CA ASP A 240 -2.04 5.01 3.70
C ASP A 240 -1.72 6.43 4.14
N VAL A 241 -2.49 7.02 5.05
CA VAL A 241 -2.20 8.37 5.52
C VAL A 241 -0.94 8.36 6.37
N THR A 242 -0.20 9.47 6.30
CA THR A 242 1.04 9.58 7.05
C THR A 242 0.79 9.49 8.56
N ALA A 243 -0.24 10.17 9.05
CA ALA A 243 -0.55 10.19 10.46
C ALA A 243 -2.03 10.46 10.67
N ILE A 244 -2.57 9.94 11.76
CA ILE A 244 -3.95 10.19 12.16
C ILE A 244 -3.93 11.15 13.34
N ILE A 245 -4.52 12.33 13.14
CA ILE A 245 -4.57 13.34 14.19
C ILE A 245 -5.78 13.05 15.08
N PHE A 246 -5.50 12.68 16.32
CA PHE A 246 -6.54 12.32 17.29
C PHE A 246 -6.67 13.44 18.30
N VAL A 247 -7.87 14.04 18.38
CA VAL A 247 -8.14 15.16 19.26
C VAL A 247 -9.04 14.67 20.39
N VAL A 248 -8.61 14.88 21.63
CA VAL A 248 -9.34 14.46 22.81
C VAL A 248 -9.45 15.66 23.75
N ALA A 249 -10.65 15.89 24.27
CA ALA A 249 -10.87 16.93 25.27
C ALA A 249 -10.43 16.39 26.63
N SER A 250 -9.20 16.70 27.01
CA SER A 250 -8.66 16.17 28.27
C SER A 250 -9.45 16.67 29.47
N SER A 251 -10.18 17.77 29.32
CA SER A 251 -10.96 18.33 30.42
C SER A 251 -12.34 17.70 30.55
N SER A 252 -12.68 16.73 29.71
CA SER A 252 -14.02 16.16 29.65
C SER A 252 -14.05 14.79 30.34
N TYR A 253 -13.29 14.66 31.43
CA TYR A 253 -13.29 13.39 32.16
C TYR A 253 -14.55 13.22 33.02
N ASN A 254 -15.10 14.33 33.51
CA ASN A 254 -16.22 14.28 34.44
C ASN A 254 -17.54 14.68 33.81
N MET A 255 -17.61 14.80 32.49
CA MET A 255 -18.86 15.18 31.82
C MET A 255 -19.94 14.14 32.06
N THR A 263 -21.56 12.54 29.59
CA THR A 263 -21.18 11.17 29.94
C THR A 263 -19.66 11.07 30.14
N ASN A 264 -19.17 9.84 30.29
CA ASN A 264 -17.74 9.59 30.43
C ASN A 264 -17.06 9.71 29.07
N ARG A 265 -16.99 10.95 28.59
CA ARG A 265 -16.47 11.19 27.24
C ARG A 265 -15.00 10.80 27.14
N LEU A 266 -14.24 10.97 28.22
CA LEU A 266 -12.82 10.58 28.20
C LEU A 266 -12.67 9.08 28.04
N GLN A 267 -13.50 8.30 28.73
CA GLN A 267 -13.45 6.85 28.58
C GLN A 267 -13.86 6.43 27.17
N ALA A 268 -14.86 7.09 26.59
CA ALA A 268 -15.24 6.78 25.22
C ALA A 268 -14.11 7.11 24.26
N ALA A 269 -13.42 8.23 24.48
CA ALA A 269 -12.27 8.58 23.64
C ALA A 269 -11.15 7.55 23.79
N LEU A 270 -10.93 7.05 25.01
CA LEU A 270 -9.92 6.02 25.22
C LEU A 270 -10.28 4.75 24.47
N LYS A 271 -11.56 4.35 24.54
CA LYS A 271 -11.99 3.16 23.81
C LYS A 271 -11.85 3.35 22.30
N LEU A 272 -12.20 4.53 21.80
CA LEU A 272 -12.04 4.81 20.38
C LEU A 272 -10.58 4.75 19.96
N PHE A 273 -9.69 5.29 20.80
CA PHE A 273 -8.27 5.24 20.52
C PHE A 273 -7.78 3.80 20.50
N ASP A 274 -8.24 2.99 21.44
CA ASP A 274 -7.87 1.57 21.45
C ASP A 274 -8.32 0.89 20.17
N SER A 275 -9.57 1.12 19.77
CA SER A 275 -10.10 0.47 18.57
C SER A 275 -9.33 0.90 17.33
N ILE A 276 -9.00 2.19 17.23
CA ILE A 276 -8.29 2.69 16.05
C ILE A 276 -6.85 2.17 16.03
N TRP A 277 -6.18 2.19 17.17
CA TRP A 277 -4.78 1.75 17.23
C TRP A 277 -4.68 0.25 16.92
N ASN A 278 -5.62 -0.54 17.44
CA ASN A 278 -5.64 -1.97 17.20
C ASN A 278 -6.37 -2.35 15.92
N ASN A 279 -6.72 -1.38 15.09
CA ASN A 279 -7.41 -1.66 13.84
C ASN A 279 -6.51 -2.48 12.92
N LYS A 280 -7.12 -3.42 12.20
CA LYS A 280 -6.34 -4.29 11.32
C LYS A 280 -5.65 -3.52 10.21
N TRP A 281 -6.34 -2.54 9.63
CA TRP A 281 -5.81 -1.81 8.49
C TRP A 281 -4.96 -0.62 8.87
N LEU A 282 -4.90 -0.26 10.15
CA LEU A 282 -4.11 0.87 10.61
C LEU A 282 -2.87 0.44 11.39
N ARG A 283 -2.34 -0.75 11.09
CA ARG A 283 -1.18 -1.26 11.83
C ARG A 283 0.06 -0.41 11.59
N ASP A 284 0.23 0.15 10.40
CA ASP A 284 1.40 0.93 10.04
C ASP A 284 1.15 2.44 10.07
N THR A 285 0.03 2.87 10.63
CA THR A 285 -0.33 4.29 10.66
C THR A 285 -0.10 4.85 12.05
N SER A 286 0.72 5.91 12.12
CA SER A 286 0.96 6.59 13.39
C SER A 286 -0.19 7.52 13.73
N VAL A 287 -0.30 7.84 15.02
CA VAL A 287 -1.38 8.68 15.53
C VAL A 287 -0.76 9.89 16.21
N ILE A 288 -1.23 11.08 15.83
CA ILE A 288 -0.84 12.33 16.48
C ILE A 288 -1.95 12.66 17.46
N LEU A 289 -1.69 12.42 18.75
CA LEU A 289 -2.72 12.55 19.79
C LEU A 289 -2.65 13.97 20.35
N PHE A 290 -3.66 14.78 20.03
CA PHE A 290 -3.78 16.12 20.58
C PHE A 290 -4.69 16.07 21.80
N LEU A 291 -4.10 16.24 22.99
CA LEU A 291 -4.85 16.36 24.23
C LEU A 291 -5.31 17.82 24.34
N ASN A 292 -6.47 18.11 23.76
CA ASN A 292 -6.93 19.47 23.56
C ASN A 292 -7.60 20.01 24.83
N LYS A 293 -7.96 21.29 24.78
CA LYS A 293 -8.65 21.96 25.88
C LYS A 293 -7.84 21.87 27.17
N GLN A 294 -6.54 22.12 27.07
CA GLN A 294 -5.69 22.11 28.25
C GLN A 294 -6.05 23.24 29.20
N ASP A 295 -6.41 24.41 28.66
CA ASP A 295 -6.78 25.53 29.51
C ASP A 295 -8.02 25.22 30.34
N LEU A 296 -9.02 24.58 29.73
CA LEU A 296 -10.21 24.17 30.48
C LEU A 296 -9.86 23.17 31.56
N LEU A 297 -8.97 22.22 31.25
CA LEU A 297 -8.55 21.25 32.26
C LEU A 297 -7.87 21.94 33.43
N ALA A 298 -7.00 22.90 33.14
CA ALA A 298 -6.33 23.64 34.20
C ALA A 298 -7.33 24.41 35.05
N GLU A 299 -8.31 25.06 34.39
CA GLU A 299 -9.32 25.81 35.12
C GLU A 299 -10.13 24.89 36.04
N LYS A 300 -10.49 23.71 35.53
CA LYS A 300 -11.32 22.79 36.31
C LYS A 300 -10.55 22.15 37.46
N VAL A 301 -9.28 21.81 37.27
CA VAL A 301 -8.50 21.21 38.34
C VAL A 301 -8.10 22.24 39.39
N LEU A 302 -7.73 23.45 38.96
CA LEU A 302 -7.32 24.48 39.91
C LEU A 302 -8.46 24.87 40.84
N ALA A 303 -9.70 24.84 40.35
CA ALA A 303 -10.84 25.20 41.18
C ALA A 303 -10.97 24.30 42.40
N GLY A 304 -10.51 23.05 42.30
CA GLY A 304 -10.59 22.12 43.41
C GLY A 304 -11.87 21.33 43.49
N LYS A 305 -12.91 21.71 42.75
CA LYS A 305 -14.16 20.96 42.76
C LYS A 305 -14.06 19.67 41.98
N SER A 306 -13.04 19.52 41.12
CA SER A 306 -12.89 18.31 40.33
C SER A 306 -12.72 17.10 41.24
N LYS A 307 -13.46 16.04 40.92
CA LYS A 307 -13.38 14.77 41.66
C LYS A 307 -12.71 13.70 40.82
N ILE A 308 -11.68 14.06 40.06
CA ILE A 308 -11.02 13.12 39.16
C ILE A 308 -10.48 11.91 39.92
N GLU A 309 -10.28 12.06 41.23
CA GLU A 309 -9.69 11.00 42.03
C GLU A 309 -10.52 9.72 42.07
N ASP A 310 -11.81 9.77 41.72
CA ASP A 310 -12.62 8.55 41.66
C ASP A 310 -13.29 8.32 40.32
N TYR A 311 -13.37 9.33 39.44
CA TYR A 311 -13.78 9.05 38.07
C TYR A 311 -12.80 8.10 37.40
N PHE A 312 -11.51 8.27 37.66
CA PHE A 312 -10.47 7.34 37.24
C PHE A 312 -9.71 6.94 38.50
N PRO A 313 -10.13 5.86 39.17
CA PRO A 313 -9.52 5.53 40.47
C PRO A 313 -8.02 5.30 40.40
N GLU A 314 -7.49 4.92 39.24
CA GLU A 314 -6.05 4.73 39.11
C GLU A 314 -5.29 6.04 39.33
N PHE A 315 -5.96 7.19 39.25
CA PHE A 315 -5.30 8.46 39.45
C PHE A 315 -4.72 8.57 40.86
N ALA A 316 -5.48 8.13 41.86
CA ALA A 316 -4.99 8.21 43.24
C ALA A 316 -3.72 7.39 43.43
N ARG A 317 -3.54 6.34 42.63
CA ARG A 317 -2.35 5.50 42.69
C ARG A 317 -1.26 5.96 41.73
N TYR A 318 -1.46 7.09 41.06
CA TYR A 318 -0.55 7.58 40.03
C TYR A 318 0.14 8.84 40.48
N THR A 319 1.40 9.00 40.07
CA THR A 319 2.21 10.16 40.41
C THR A 319 2.89 10.69 39.16
N THR A 320 3.29 11.95 39.20
CA THR A 320 3.89 12.58 38.04
C THR A 320 5.17 11.86 37.65
N PRO A 321 5.39 11.56 36.37
CA PRO A 321 6.65 10.91 35.97
C PRO A 321 7.85 11.82 36.19
N GLU A 322 9.00 11.20 36.43
CA GLU A 322 10.23 11.96 36.60
C GLU A 322 10.65 12.67 35.31
N ASP A 323 10.16 12.22 34.16
CA ASP A 323 10.50 12.82 32.87
C ASP A 323 9.59 13.98 32.51
N ALA A 324 8.64 14.35 33.36
CA ALA A 324 7.71 15.42 33.04
C ALA A 324 8.46 16.74 32.87
N THR A 325 7.97 17.56 31.95
CA THR A 325 8.54 18.87 31.65
C THR A 325 7.43 19.91 31.68
N PRO A 326 6.94 20.24 32.89
CA PRO A 326 5.86 21.22 32.99
C PRO A 326 6.33 22.62 32.62
N GLU A 327 5.38 23.43 32.14
CA GLU A 327 5.67 24.80 31.79
C GLU A 327 5.94 25.62 33.06
N PRO A 328 6.64 26.75 32.93
CA PRO A 328 6.92 27.58 34.11
C PRO A 328 5.64 27.99 34.81
N GLY A 329 5.64 27.90 36.14
CA GLY A 329 4.49 28.30 36.93
C GLY A 329 3.33 27.33 36.90
N GLU A 330 3.50 26.17 36.27
CA GLU A 330 2.41 25.22 36.18
C GLU A 330 2.15 24.56 37.54
N ASP A 331 0.89 24.50 37.93
CA ASP A 331 0.54 23.96 39.23
C ASP A 331 0.83 22.46 39.27
N PRO A 332 1.30 21.92 40.40
CA PRO A 332 1.58 20.48 40.45
C PRO A 332 0.38 19.60 40.12
N ARG A 333 -0.81 19.99 40.58
CA ARG A 333 -2.00 19.19 40.29
C ARG A 333 -2.30 19.19 38.79
N VAL A 334 -2.14 20.34 38.13
CA VAL A 334 -2.38 20.41 36.69
C VAL A 334 -1.43 19.47 35.96
N THR A 335 -0.14 19.50 36.32
CA THR A 335 0.82 18.62 35.68
C THR A 335 0.49 17.16 35.93
N ARG A 336 0.13 16.82 37.17
CA ARG A 336 -0.18 15.43 37.49
C ARG A 336 -1.37 14.95 36.69
N ALA A 337 -2.44 15.75 36.60
CA ALA A 337 -3.61 15.35 35.83
C ALA A 337 -3.28 15.23 34.35
N LYS A 338 -2.52 16.19 33.83
CA LYS A 338 -2.13 16.15 32.41
C LYS A 338 -1.38 14.87 32.08
N TYR A 339 -0.38 14.54 32.91
CA TYR A 339 0.43 13.37 32.62
C TYR A 339 -0.33 12.07 32.89
N PHE A 340 -1.25 12.06 33.84
CA PHE A 340 -2.10 10.89 34.02
C PHE A 340 -2.95 10.65 32.78
N ILE A 341 -3.55 11.72 32.25
CA ILE A 341 -4.37 11.58 31.05
C ILE A 341 -3.52 11.11 29.88
N ARG A 342 -2.32 11.68 29.74
CA ARG A 342 -1.43 11.27 28.64
C ARG A 342 -1.04 9.81 28.78
N ASP A 343 -0.70 9.38 30.00
CA ASP A 343 -0.30 8.00 30.22
C ASP A 343 -1.46 7.03 30.00
N GLU A 344 -2.69 7.47 30.24
CA GLU A 344 -3.83 6.60 29.94
C GLU A 344 -3.84 6.19 28.47
N PHE A 345 -3.55 7.14 27.57
CA PHE A 345 -3.48 6.80 26.15
C PHE A 345 -2.18 6.07 25.82
N LEU A 346 -1.07 6.46 26.45
CA LEU A 346 0.20 5.80 26.17
C LEU A 346 0.16 4.33 26.54
N ARG A 347 -0.58 3.97 27.58
CA ARG A 347 -0.74 2.56 27.93
C ARG A 347 -1.37 1.79 26.78
N ILE A 348 -2.39 2.37 26.14
CA ILE A 348 -3.03 1.72 25.00
C ILE A 348 -2.06 1.63 23.82
N SER A 349 -1.39 2.74 23.50
CA SER A 349 -0.49 2.76 22.36
C SER A 349 0.73 1.89 22.60
N THR A 350 1.30 1.94 23.81
CA THR A 350 2.53 1.21 24.09
C THR A 350 2.33 -0.30 24.05
N ALA A 351 1.09 -0.76 24.23
CA ALA A 351 0.82 -2.19 24.32
C ALA A 351 1.25 -2.95 23.07
N SER A 352 1.26 -2.32 21.90
CA SER A 352 1.65 -3.03 20.68
C SER A 352 3.09 -3.51 20.76
N GLY A 353 4.02 -2.61 21.06
CA GLY A 353 5.41 -2.98 21.20
C GLY A 353 6.04 -3.52 19.93
N ASP A 354 5.40 -3.26 18.79
CA ASP A 354 5.89 -3.74 17.50
C ASP A 354 6.74 -2.72 16.76
N GLY A 355 6.52 -1.42 16.98
CA GLY A 355 7.29 -0.40 16.33
C GLY A 355 6.84 -0.04 14.92
N ARG A 356 5.80 -0.69 14.40
CA ARG A 356 5.32 -0.35 13.07
C ARG A 356 4.70 1.04 13.04
N HIS A 357 4.16 1.50 14.16
CA HIS A 357 3.61 2.84 14.26
C HIS A 357 3.76 3.33 15.70
N TYR A 358 3.74 4.65 15.86
CA TYR A 358 3.99 5.27 17.16
C TYR A 358 2.96 6.36 17.40
N CYS A 359 2.73 6.65 18.68
CA CYS A 359 1.83 7.72 19.10
C CYS A 359 2.67 8.92 19.54
N TYR A 360 2.17 10.13 19.25
CA TYR A 360 2.86 11.38 19.54
C TYR A 360 1.93 12.28 20.33
N PRO A 361 1.80 12.06 21.64
CA PRO A 361 0.90 12.90 22.44
C PRO A 361 1.40 14.32 22.54
N HIS A 362 0.46 15.25 22.68
CA HIS A 362 0.78 16.67 22.80
C HIS A 362 -0.25 17.33 23.71
N PHE A 363 0.21 18.35 24.44
CA PHE A 363 -0.65 19.18 25.29
C PHE A 363 -0.89 20.48 24.55
N THR A 364 -2.09 20.62 23.98
CA THR A 364 -2.40 21.74 23.10
C THR A 364 -3.74 22.36 23.47
N CYS A 365 -3.90 23.62 23.12
CA CYS A 365 -5.15 24.34 23.32
C CYS A 365 -5.92 24.42 22.01
N ALA A 366 -7.22 24.66 22.11
CA ALA A 366 -8.06 24.75 20.92
C ALA A 366 -7.60 25.83 19.97
N VAL A 367 -7.13 26.98 20.49
CA VAL A 367 -6.67 28.07 19.63
C VAL A 367 -5.15 28.13 19.52
N ASP A 368 -4.45 27.09 19.96
CA ASP A 368 -2.99 27.06 19.88
C ASP A 368 -2.53 27.17 18.44
N THR A 369 -1.75 28.21 18.13
CA THR A 369 -1.27 28.42 16.77
C THR A 369 -0.11 27.50 16.40
N GLU A 370 0.56 26.90 17.39
CA GLU A 370 1.68 26.02 17.10
C GLU A 370 1.24 24.61 16.71
N ASN A 371 -0.06 24.32 16.75
CA ASN A 371 -0.54 22.99 16.38
C ASN A 371 -0.06 22.59 15.00
N ILE A 372 0.01 23.55 14.07
CA ILE A 372 0.51 23.26 12.74
C ILE A 372 1.97 22.82 12.81
N ARG A 373 2.79 23.50 13.63
CA ARG A 373 4.17 23.09 13.81
C ARG A 373 4.25 21.73 14.49
N ARG A 374 3.35 21.44 15.42
CA ARG A 374 3.32 20.11 16.03
C ARG A 374 3.05 19.04 14.99
N VAL A 375 2.09 19.28 14.09
CA VAL A 375 1.79 18.32 13.03
C VAL A 375 2.99 18.12 12.13
N PHE A 376 3.64 19.23 11.75
CA PHE A 376 4.81 19.13 10.88
C PHE A 376 5.92 18.31 11.53
N ASN A 377 6.22 18.61 12.80
CA ASN A 377 7.26 17.88 13.50
C ASN A 377 6.90 16.41 13.65
N ASP A 378 5.64 16.12 13.95
CA ASP A 378 5.22 14.73 14.09
C ASP A 378 5.34 13.97 12.78
N CYS A 379 4.96 14.60 11.66
CA CYS A 379 5.12 13.94 10.37
C CYS A 379 6.60 13.70 10.05
N ARG A 380 7.44 14.70 10.32
CA ARG A 380 8.87 14.54 10.09
C ARG A 380 9.42 13.38 10.92
N ASP A 381 9.05 13.32 12.19
CA ASP A 381 9.51 12.24 13.06
C ASP A 381 8.99 10.89 12.59
N ILE A 382 7.73 10.82 12.13
CA ILE A 382 7.19 9.56 11.66
C ILE A 382 7.97 9.06 10.45
N ILE A 383 8.23 9.95 9.49
CA ILE A 383 9.00 9.55 8.32
C ILE A 383 10.41 9.13 8.70
N GLN A 384 11.04 9.89 9.61
CA GLN A 384 12.39 9.56 10.05
C GLN A 384 12.43 8.18 10.70
N ARG A 385 11.45 7.90 11.58
CA ARG A 385 11.41 6.60 12.25
C ARG A 385 11.14 5.48 11.27
N MET A 386 10.27 5.71 10.28
CA MET A 386 10.04 4.69 9.25
C MET A 386 11.34 4.38 8.51
N HIS A 387 12.06 5.42 8.11
CA HIS A 387 13.33 5.20 7.40
C HIS A 387 14.33 4.47 8.29
N LEU A 388 14.42 4.87 9.57
CA LEU A 388 15.35 4.23 10.48
C LEU A 388 15.02 2.75 10.66
N ARG A 389 13.74 2.44 10.85
CA ARG A 389 13.33 1.05 10.99
C ARG A 389 13.59 0.26 9.71
N GLN A 390 13.48 0.91 8.56
CA GLN A 390 13.78 0.24 7.31
C GLN A 390 15.24 -0.20 7.26
N TYR A 391 16.15 0.63 7.77
CA TYR A 391 17.58 0.34 7.76
C TYR A 391 18.05 -0.33 9.06
N GLU A 392 17.14 -0.96 9.80
CA GLU A 392 17.48 -1.66 11.04
C GLU A 392 18.11 -0.72 12.07
N LEU A 393 17.76 0.56 12.00
CA LEU A 393 18.24 1.54 12.96
C LEU A 393 17.28 1.74 14.12
N LEU A 394 16.15 1.04 14.14
CA LEU A 394 15.20 1.12 15.24
C LEU A 394 14.51 -0.22 15.46
N GLU B 8 -48.45 -3.91 24.03
CA GLU B 8 -48.32 -3.34 22.66
C GLU B 8 -46.99 -3.74 22.03
N LEU B 9 -45.90 -3.16 22.53
CA LEU B 9 -44.58 -3.45 21.97
C LEU B 9 -44.21 -4.91 22.16
N ASP B 10 -44.52 -5.46 23.34
CA ASP B 10 -44.13 -6.84 23.63
C ASP B 10 -44.76 -7.83 22.67
N GLN B 11 -46.04 -7.65 22.34
CA GLN B 11 -46.70 -8.55 21.41
C GLN B 11 -46.05 -8.51 20.03
N LEU B 12 -45.69 -7.31 19.57
CA LEU B 12 -45.08 -7.19 18.25
C LEU B 12 -43.75 -7.92 18.18
N ARG B 13 -42.94 -7.82 19.23
CA ARG B 13 -41.64 -8.49 19.23
C ARG B 13 -41.80 -10.01 19.20
N GLN B 14 -42.75 -10.56 19.96
CA GLN B 14 -43.01 -11.99 19.90
C GLN B 14 -43.52 -12.39 18.51
N GLU B 15 -44.36 -11.55 17.91
CA GLU B 15 -44.81 -11.81 16.56
C GLU B 15 -43.63 -11.83 15.59
N ALA B 16 -42.62 -10.99 15.82
CA ALA B 16 -41.44 -11.01 14.96
C ALA B 16 -40.73 -12.35 15.02
N GLU B 17 -40.56 -12.90 16.23
CA GLU B 17 -39.92 -14.20 16.37
C GLU B 17 -40.77 -15.30 15.73
N GLN B 18 -42.08 -15.24 15.90
CA GLN B 18 -42.95 -16.22 15.25
C GLN B 18 -42.84 -16.12 13.72
N LEU B 19 -42.71 -14.90 13.21
CA LEU B 19 -42.57 -14.69 11.78
C LEU B 19 -41.25 -15.28 11.28
N LYS B 20 -40.16 -15.00 11.99
CA LYS B 20 -38.89 -15.68 11.69
C LYS B 20 -39.06 -17.18 11.68
N ASN B 21 -39.77 -17.73 12.67
CA ASN B 21 -39.93 -19.16 12.78
C ASN B 21 -40.64 -19.73 11.56
N GLN B 22 -41.76 -19.12 11.15
CA GLN B 22 -42.50 -19.66 10.02
C GLN B 22 -41.69 -19.51 8.74
N ILE B 23 -40.98 -18.39 8.58
CA ILE B 23 -40.19 -18.19 7.38
C ILE B 23 -39.10 -19.25 7.27
N ARG B 24 -38.42 -19.50 8.39
CA ARG B 24 -37.36 -20.51 8.39
C ARG B 24 -37.93 -21.90 8.15
N ASP B 25 -39.09 -22.20 8.72
CA ASP B 25 -39.72 -23.50 8.49
C ASP B 25 -40.06 -23.69 7.02
N ALA B 26 -40.62 -22.65 6.38
CA ALA B 26 -40.95 -22.75 4.97
C ALA B 26 -39.69 -22.92 4.13
N ARG B 27 -38.64 -22.16 4.45
CA ARG B 27 -37.39 -22.27 3.69
C ARG B 27 -36.79 -23.66 3.83
N LYS B 28 -36.84 -24.23 5.04
CA LYS B 28 -36.37 -25.60 5.23
C LYS B 28 -37.22 -26.59 4.44
N ALA B 29 -38.54 -26.40 4.43
CA ALA B 29 -39.40 -27.30 3.69
C ALA B 29 -39.13 -27.24 2.20
N CYS B 30 -38.74 -26.07 1.69
CA CYS B 30 -38.38 -25.95 0.28
C CYS B 30 -37.08 -26.66 -0.06
N ALA B 31 -36.29 -27.06 0.95
CA ALA B 31 -34.99 -27.67 0.73
C ALA B 31 -35.08 -29.19 0.91
N ASP B 32 -35.02 -29.90 -0.22
CA ASP B 32 -34.92 -31.36 -0.18
C ASP B 32 -33.53 -31.83 -0.56
N ALA B 33 -32.87 -31.11 -1.47
CA ALA B 33 -31.51 -31.45 -1.89
C ALA B 33 -30.75 -30.16 -2.15
N THR B 34 -29.43 -30.24 -2.02
CA THR B 34 -28.58 -29.09 -2.27
C THR B 34 -28.15 -29.05 -3.73
N LEU B 35 -27.73 -27.86 -4.17
CA LEU B 35 -27.23 -27.72 -5.53
C LEU B 35 -26.04 -28.63 -5.79
N SER B 36 -25.24 -28.89 -4.75
CA SER B 36 -24.10 -29.79 -4.90
C SER B 36 -24.56 -31.19 -5.27
N GLN B 37 -25.62 -31.68 -4.62
CA GLN B 37 -26.07 -33.04 -4.86
C GLN B 37 -26.54 -33.23 -6.30
N ILE B 38 -27.29 -32.28 -6.83
CA ILE B 38 -27.78 -32.38 -8.20
C ILE B 38 -26.68 -32.14 -9.21
N THR B 39 -25.62 -31.42 -8.83
CA THR B 39 -24.54 -31.09 -9.74
C THR B 39 -23.48 -32.20 -9.83
N ASN B 40 -23.61 -33.25 -9.01
CA ASN B 40 -22.57 -34.27 -8.95
C ASN B 40 -22.37 -34.95 -10.30
N ASN B 41 -23.45 -35.27 -11.01
CA ASN B 41 -23.35 -36.00 -12.27
C ASN B 41 -22.90 -35.12 -13.43
N ILE B 42 -22.87 -33.80 -13.26
CA ILE B 42 -22.51 -32.91 -14.36
C ILE B 42 -21.00 -32.94 -14.58
N ASP B 43 -20.59 -32.77 -15.82
CA ASP B 43 -19.18 -32.76 -16.16
C ASP B 43 -18.51 -31.54 -15.55
N PRO B 44 -17.38 -31.68 -14.83
CA PRO B 44 -16.75 -30.51 -14.24
C PRO B 44 -16.18 -29.59 -15.29
N VAL B 45 -16.12 -28.30 -14.96
CA VAL B 45 -15.55 -27.30 -15.87
C VAL B 45 -14.07 -27.53 -16.10
N GLY B 46 -13.34 -27.98 -15.09
CA GLY B 46 -11.91 -28.17 -15.23
C GLY B 46 -11.14 -26.92 -14.81
N ARG B 47 -9.85 -26.95 -15.10
CA ARG B 47 -8.95 -25.86 -14.73
C ARG B 47 -9.07 -24.73 -15.75
N ILE B 48 -9.61 -23.59 -15.33
CA ILE B 48 -9.69 -22.42 -16.20
C ILE B 48 -8.35 -21.72 -16.20
N GLN B 49 -7.80 -21.49 -17.39
CA GLN B 49 -6.49 -20.87 -17.55
C GLN B 49 -6.68 -19.43 -18.00
N MET B 50 -6.09 -18.50 -17.24
CA MET B 50 -6.14 -17.08 -17.58
C MET B 50 -4.91 -16.39 -17.01
N ARG B 51 -4.40 -15.43 -17.76
CA ARG B 51 -3.23 -14.66 -17.34
C ARG B 51 -3.43 -13.22 -17.79
N THR B 52 -2.58 -12.34 -17.27
CA THR B 52 -2.68 -10.91 -17.55
C THR B 52 -2.67 -10.66 -19.04
N ARG B 53 -3.62 -9.87 -19.53
CA ARG B 53 -3.71 -9.52 -20.95
C ARG B 53 -3.41 -8.06 -21.21
N ARG B 54 -4.02 -7.15 -20.44
CA ARG B 54 -3.76 -5.73 -20.56
C ARG B 54 -3.46 -5.18 -19.18
N THR B 55 -2.47 -4.29 -19.10
CA THR B 55 -2.09 -3.63 -17.86
C THR B 55 -2.30 -2.13 -18.03
N LEU B 56 -3.23 -1.58 -17.25
CA LEU B 56 -3.57 -0.17 -17.31
C LEU B 56 -2.86 0.57 -16.20
N ARG B 57 -2.09 1.60 -16.56
CA ARG B 57 -1.29 2.36 -15.62
C ARG B 57 -1.63 3.84 -15.74
N GLY B 58 -1.46 4.57 -14.63
CA GLY B 58 -1.73 6.00 -14.62
C GLY B 58 -2.37 6.47 -13.32
N HIS B 59 -3.05 5.57 -12.62
CA HIS B 59 -3.66 5.94 -11.34
C HIS B 59 -2.57 6.11 -10.29
N LEU B 60 -2.60 7.23 -9.59
CA LEU B 60 -1.56 7.55 -8.61
C LEU B 60 -1.72 6.77 -7.31
N ALA B 61 -2.95 6.54 -6.87
CA ALA B 61 -3.23 5.91 -5.59
C ALA B 61 -3.98 4.59 -5.81
N LYS B 62 -4.31 3.94 -4.70
CA LYS B 62 -5.02 2.67 -4.76
C LYS B 62 -6.36 2.82 -5.47
N ILE B 63 -6.64 1.89 -6.38
CA ILE B 63 -7.92 1.88 -7.08
C ILE B 63 -8.93 1.09 -6.25
N TYR B 64 -10.15 1.62 -6.14
CA TYR B 64 -11.15 1.02 -5.27
C TYR B 64 -12.43 0.60 -6.00
N ALA B 65 -12.69 1.10 -7.20
CA ALA B 65 -13.91 0.74 -7.92
C ALA B 65 -13.69 0.87 -9.41
N MET B 66 -14.48 0.12 -10.18
CA MET B 66 -14.45 0.18 -11.64
C MET B 66 -15.78 -0.32 -12.18
N HIS B 67 -16.02 -0.07 -13.45
CA HIS B 67 -17.21 -0.57 -14.12
C HIS B 67 -16.94 -0.72 -15.61
N TRP B 68 -17.65 -1.66 -16.23
CA TRP B 68 -17.53 -1.92 -17.66
C TRP B 68 -18.64 -1.21 -18.42
N GLY B 69 -18.31 -0.68 -19.59
CA GLY B 69 -19.32 -0.13 -20.47
C GLY B 69 -20.03 -1.21 -21.25
N THR B 70 -21.25 -0.88 -21.72
CA THR B 70 -22.03 -1.84 -22.48
C THR B 70 -21.36 -2.22 -23.80
N ASP B 71 -20.52 -1.35 -24.35
CA ASP B 71 -19.79 -1.67 -25.58
C ASP B 71 -18.68 -2.68 -25.35
N SER B 72 -18.35 -3.00 -24.10
CA SER B 72 -17.33 -3.98 -23.76
C SER B 72 -15.93 -3.53 -24.19
N ARG B 73 -15.76 -2.24 -24.50
CA ARG B 73 -14.47 -1.71 -24.89
C ARG B 73 -14.05 -0.57 -23.97
N LEU B 74 -15.00 0.28 -23.61
CA LEU B 74 -14.71 1.40 -22.73
C LEU B 74 -14.82 0.98 -21.28
N LEU B 75 -13.84 1.38 -20.48
CA LEU B 75 -13.76 1.00 -19.07
C LEU B 75 -13.53 2.25 -18.23
N VAL B 76 -14.21 2.35 -17.10
CA VAL B 76 -14.05 3.45 -16.17
C VAL B 76 -13.57 2.91 -14.83
N SER B 77 -12.62 3.61 -14.23
CA SER B 77 -12.08 3.24 -12.94
C SER B 77 -11.92 4.49 -12.10
N ALA B 78 -11.99 4.31 -10.78
CA ALA B 78 -11.86 5.41 -9.83
C ALA B 78 -10.78 5.07 -8.82
N SER B 79 -9.95 6.06 -8.49
CA SER B 79 -8.85 5.89 -7.56
C SER B 79 -8.97 6.90 -6.43
N GLN B 80 -8.42 6.55 -5.27
CA GLN B 80 -8.50 7.41 -4.10
C GLN B 80 -7.68 8.68 -4.25
N ASP B 81 -6.83 8.78 -5.27
CA ASP B 81 -6.09 10.02 -5.53
C ASP B 81 -6.98 11.12 -6.09
N GLY B 82 -8.23 10.81 -6.44
CA GLY B 82 -9.12 11.80 -7.02
C GLY B 82 -9.21 11.79 -8.52
N LYS B 83 -8.66 10.76 -9.18
CA LYS B 83 -8.71 10.65 -10.63
C LYS B 83 -9.73 9.58 -11.03
N LEU B 84 -10.65 9.97 -11.91
CA LEU B 84 -11.66 9.07 -12.46
C LEU B 84 -11.35 8.91 -13.95
N ILE B 85 -10.61 7.85 -14.27
CA ILE B 85 -10.06 7.64 -15.61
C ILE B 85 -10.96 6.72 -16.39
N ILE B 86 -11.11 7.01 -17.68
CA ILE B 86 -11.83 6.15 -18.62
C ILE B 86 -10.83 5.58 -19.61
N TRP B 87 -10.80 4.25 -19.74
CA TRP B 87 -9.81 3.56 -20.54
C TRP B 87 -10.46 2.91 -21.75
N ASP B 88 -9.72 2.88 -22.86
CA ASP B 88 -10.08 2.07 -24.01
C ASP B 88 -9.36 0.73 -23.88
N SER B 89 -10.07 -0.30 -23.43
CA SER B 89 -9.44 -1.57 -23.09
C SER B 89 -8.69 -2.19 -24.28
N TYR B 90 -9.19 -2.00 -25.50
CA TYR B 90 -8.54 -2.60 -26.65
C TYR B 90 -7.18 -1.98 -26.93
N THR B 91 -7.09 -0.66 -26.85
CA THR B 91 -5.85 0.06 -27.18
C THR B 91 -5.09 0.54 -25.95
N THR B 92 -5.65 0.40 -24.75
CA THR B 92 -5.04 0.83 -23.49
C THR B 92 -4.99 2.35 -23.36
N ASN B 93 -5.51 3.09 -24.33
CA ASN B 93 -5.43 4.54 -24.28
C ASN B 93 -6.45 5.11 -23.31
N LYS B 94 -6.03 6.13 -22.56
CA LYS B 94 -6.91 6.79 -21.60
C LYS B 94 -7.77 7.82 -22.32
N VAL B 95 -9.07 7.52 -22.46
CA VAL B 95 -9.96 8.45 -23.15
C VAL B 95 -10.14 9.72 -22.33
N HIS B 96 -10.32 9.59 -21.02
CA HIS B 96 -10.53 10.75 -20.17
C HIS B 96 -9.87 10.51 -18.81
N ALA B 97 -9.57 11.61 -18.12
CA ALA B 97 -9.05 11.59 -16.75
C ALA B 97 -9.78 12.69 -15.99
N ILE B 98 -10.91 12.33 -15.39
CA ILE B 98 -11.77 13.32 -14.74
C ILE B 98 -11.22 13.65 -13.36
N PRO B 99 -10.93 14.91 -13.04
CA PRO B 99 -10.50 15.25 -11.67
C PRO B 99 -11.70 15.40 -10.76
N LEU B 100 -11.77 14.56 -9.73
CA LEU B 100 -12.91 14.59 -8.81
C LEU B 100 -12.74 15.69 -7.77
N ARG B 101 -13.87 16.26 -7.35
CA ARG B 101 -13.84 17.29 -6.32
C ARG B 101 -13.30 16.73 -5.01
N SER B 102 -13.75 15.53 -4.64
CA SER B 102 -13.29 14.85 -3.44
C SER B 102 -12.45 13.65 -3.82
N SER B 103 -11.24 13.57 -3.27
CA SER B 103 -10.32 12.49 -3.64
C SER B 103 -10.77 11.14 -3.11
N TRP B 104 -11.59 11.11 -2.06
CA TRP B 104 -11.99 9.85 -1.44
C TRP B 104 -13.23 9.26 -2.11
N VAL B 105 -13.12 8.96 -3.40
CA VAL B 105 -14.22 8.30 -4.11
C VAL B 105 -14.21 6.82 -3.77
N MET B 106 -15.39 6.27 -3.51
CA MET B 106 -15.54 4.85 -3.18
C MET B 106 -16.36 4.07 -4.19
N THR B 107 -16.97 4.72 -5.17
CA THR B 107 -17.76 4.02 -6.17
C THR B 107 -17.72 4.78 -7.49
N CYS B 108 -17.95 4.06 -8.57
CA CYS B 108 -18.05 4.65 -9.90
C CYS B 108 -18.95 3.78 -10.76
N ALA B 109 -19.66 4.42 -11.67
CA ALA B 109 -20.60 3.74 -12.54
C ALA B 109 -20.52 4.34 -13.95
N TYR B 110 -20.90 3.53 -14.92
CA TYR B 110 -20.86 3.92 -16.33
C TYR B 110 -22.24 3.67 -16.92
N ALA B 111 -22.82 4.72 -17.52
CA ALA B 111 -24.19 4.63 -17.97
C ALA B 111 -24.33 3.58 -19.07
N PRO B 112 -25.47 2.88 -19.12
CA PRO B 112 -25.65 1.86 -20.16
C PRO B 112 -25.53 2.39 -21.58
N SER B 113 -25.98 3.62 -21.83
CA SER B 113 -25.78 4.24 -23.13
C SER B 113 -24.40 4.86 -23.28
N GLY B 114 -23.64 4.95 -22.19
CA GLY B 114 -22.30 5.50 -22.23
C GLY B 114 -22.23 7.00 -22.23
N ASN B 115 -23.37 7.70 -22.11
CA ASN B 115 -23.36 9.16 -22.16
C ASN B 115 -22.87 9.76 -20.85
N TYR B 116 -23.15 9.12 -19.73
CA TYR B 116 -22.87 9.69 -18.41
C TYR B 116 -22.05 8.72 -17.57
N VAL B 117 -21.35 9.28 -16.58
CA VAL B 117 -20.57 8.53 -15.62
C VAL B 117 -20.87 9.07 -14.23
N ALA B 118 -21.02 8.16 -13.27
CA ALA B 118 -21.32 8.50 -11.89
C ALA B 118 -20.19 8.04 -10.97
N CYS B 119 -20.02 8.75 -9.86
CA CYS B 119 -19.03 8.38 -8.86
C CYS B 119 -19.40 9.02 -7.54
N GLY B 120 -18.84 8.48 -6.46
CA GLY B 120 -19.11 8.98 -5.14
C GLY B 120 -18.27 8.28 -4.10
N GLY B 121 -18.40 8.73 -2.86
CA GLY B 121 -17.64 8.16 -1.77
C GLY B 121 -17.90 8.84 -0.44
N LEU B 122 -16.82 9.13 0.31
CA LEU B 122 -16.96 9.77 1.60
C LEU B 122 -17.56 11.17 1.49
N ASP B 123 -17.57 11.75 0.28
CA ASP B 123 -18.14 13.08 0.11
C ASP B 123 -19.65 13.12 0.31
N ASN B 124 -20.30 11.96 0.39
CA ASN B 124 -21.75 11.85 0.57
C ASN B 124 -22.53 12.36 -0.64
N ILE B 125 -21.88 12.52 -1.78
CA ILE B 125 -22.50 13.07 -2.97
C ILE B 125 -22.18 12.19 -4.16
N CYS B 126 -23.17 11.93 -5.00
CA CYS B 126 -23.00 11.20 -6.24
C CYS B 126 -22.90 12.21 -7.38
N SER B 127 -21.75 12.25 -8.05
CA SER B 127 -21.48 13.22 -9.09
C SER B 127 -21.67 12.56 -10.45
N ILE B 128 -22.52 13.16 -11.29
CA ILE B 128 -22.81 12.65 -12.63
C ILE B 128 -22.03 13.49 -13.62
N TYR B 129 -21.24 12.83 -14.46
CA TYR B 129 -20.39 13.49 -15.44
C TYR B 129 -20.88 13.17 -16.84
N ASN B 130 -21.06 14.20 -17.66
CA ASN B 130 -21.45 14.02 -19.05
C ASN B 130 -20.20 13.90 -19.91
N LEU B 131 -19.99 12.72 -20.51
CA LEU B 131 -18.75 12.44 -21.21
C LEU B 131 -18.65 13.11 -22.56
N LYS B 132 -19.76 13.23 -23.30
CA LYS B 132 -19.71 13.65 -24.70
C LYS B 132 -20.67 14.82 -24.94
N THR B 133 -20.57 15.84 -24.09
CA THR B 133 -21.26 17.10 -24.37
C THR B 133 -20.77 17.66 -25.69
N ARG B 134 -21.62 18.48 -26.33
CA ARG B 134 -21.28 19.02 -27.64
C ARG B 134 -19.97 19.80 -27.61
N GLU B 135 -19.61 20.38 -26.46
CA GLU B 135 -18.32 21.04 -26.31
C GLU B 135 -17.17 20.05 -26.15
N GLY B 136 -17.46 18.80 -25.76
CA GLY B 136 -16.44 17.79 -25.61
C GLY B 136 -15.68 17.83 -24.30
N ASN B 137 -16.16 18.58 -23.31
CA ASN B 137 -15.50 18.70 -22.02
C ASN B 137 -16.31 17.98 -20.96
N VAL B 138 -15.63 17.17 -20.14
CA VAL B 138 -16.30 16.45 -19.06
C VAL B 138 -16.52 17.40 -17.89
N ARG B 139 -17.77 17.51 -17.46
CA ARG B 139 -18.13 18.41 -16.37
C ARG B 139 -19.17 17.74 -15.50
N VAL B 140 -19.27 18.21 -14.26
CA VAL B 140 -20.26 17.69 -13.32
C VAL B 140 -21.64 18.18 -13.74
N SER B 141 -22.44 17.30 -14.33
CA SER B 141 -23.78 17.68 -14.75
C SER B 141 -24.65 18.05 -13.56
N ARG B 142 -24.65 17.21 -12.53
CA ARG B 142 -25.40 17.47 -11.31
C ARG B 142 -24.79 16.68 -10.16
N GLU B 143 -25.06 17.15 -8.94
CA GLU B 143 -24.63 16.47 -7.72
C GLU B 143 -25.87 15.98 -6.98
N LEU B 144 -25.92 14.68 -6.71
CA LEU B 144 -27.08 14.06 -6.06
C LEU B 144 -26.83 14.03 -4.56
N ALA B 145 -26.91 15.20 -3.95
CA ALA B 145 -26.75 15.32 -2.50
C ALA B 145 -28.03 14.93 -1.78
N GLY B 146 -27.90 14.59 -0.50
CA GLY B 146 -29.04 14.21 0.31
C GLY B 146 -28.72 13.04 1.22
N HIS B 147 -27.77 12.21 0.84
CA HIS B 147 -27.39 11.07 1.66
C HIS B 147 -26.61 11.52 2.89
N THR B 148 -26.82 10.82 4.00
CA THR B 148 -26.15 11.12 5.25
C THR B 148 -24.99 10.15 5.53
N GLY B 149 -24.59 9.34 4.55
CA GLY B 149 -23.47 8.44 4.71
C GLY B 149 -22.69 8.31 3.42
N TYR B 150 -21.48 7.78 3.55
CA TYR B 150 -20.61 7.61 2.39
C TYR B 150 -21.26 6.67 1.38
N LEU B 151 -21.15 7.04 0.11
CA LEU B 151 -21.72 6.24 -0.98
C LEU B 151 -20.83 5.05 -1.26
N SER B 152 -21.40 3.84 -1.14
CA SER B 152 -20.63 2.62 -1.33
C SER B 152 -20.77 2.06 -2.75
N CYS B 153 -21.90 2.25 -3.40
CA CYS B 153 -22.11 1.72 -4.74
C CYS B 153 -23.18 2.54 -5.44
N CYS B 154 -23.14 2.50 -6.77
CA CYS B 154 -24.14 3.18 -7.60
C CYS B 154 -24.19 2.49 -8.95
N ARG B 155 -25.38 2.47 -9.55
CA ARG B 155 -25.57 1.85 -10.85
C ARG B 155 -26.67 2.58 -11.60
N PHE B 156 -26.43 2.85 -12.88
CA PHE B 156 -27.42 3.56 -13.69
C PHE B 156 -28.56 2.64 -14.11
N LEU B 157 -29.79 3.12 -13.95
CA LEU B 157 -30.93 2.48 -14.59
C LEU B 157 -31.11 3.01 -16.01
N ASP B 158 -30.87 4.30 -16.20
CA ASP B 158 -30.90 4.91 -17.53
C ASP B 158 -30.17 6.25 -17.44
N ASP B 159 -30.27 7.02 -18.51
CA ASP B 159 -29.61 8.33 -18.54
C ASP B 159 -30.17 9.29 -17.50
N ASN B 160 -31.37 9.02 -16.98
CA ASN B 160 -32.05 9.93 -16.06
C ASN B 160 -32.24 9.33 -14.66
N GLN B 161 -32.03 8.03 -14.50
CA GLN B 161 -32.27 7.37 -13.22
C GLN B 161 -31.00 6.63 -12.79
N ILE B 162 -30.69 6.70 -11.50
CA ILE B 162 -29.53 6.03 -10.92
C ILE B 162 -29.86 5.63 -9.49
N VAL B 163 -29.51 4.40 -9.11
CA VAL B 163 -29.70 3.92 -7.75
C VAL B 163 -28.36 3.95 -7.03
N THR B 164 -28.37 4.33 -5.75
CA THR B 164 -27.15 4.50 -4.98
C THR B 164 -27.30 3.84 -3.62
N SER B 165 -26.18 3.35 -3.09
CA SER B 165 -26.10 2.82 -1.75
C SER B 165 -25.17 3.69 -0.92
N SER B 166 -25.47 3.82 0.37
CA SER B 166 -24.78 4.78 1.22
C SER B 166 -24.55 4.18 2.60
N GLY B 167 -23.68 4.84 3.37
CA GLY B 167 -23.39 4.41 4.72
C GLY B 167 -24.49 4.68 5.73
N ASP B 168 -25.50 5.44 5.35
CA ASP B 168 -26.62 5.66 6.26
C ASP B 168 -27.60 4.51 6.31
N THR B 169 -27.25 3.36 5.73
CA THR B 169 -28.06 2.15 5.80
C THR B 169 -29.28 2.23 4.88
N THR B 170 -29.33 3.26 4.03
CA THR B 170 -30.45 3.43 3.12
C THR B 170 -29.97 3.58 1.68
N CYS B 171 -30.67 2.90 0.78
CA CYS B 171 -30.48 3.08 -0.66
C CYS B 171 -31.56 4.00 -1.20
N ALA B 172 -31.22 4.67 -2.31
CA ALA B 172 -32.13 5.66 -2.87
C ALA B 172 -32.08 5.59 -4.40
N LEU B 173 -33.22 5.87 -5.02
CA LEU B 173 -33.33 6.02 -6.46
C LEU B 173 -33.44 7.51 -6.78
N TRP B 174 -32.55 7.99 -7.65
CA TRP B 174 -32.45 9.41 -7.95
C TRP B 174 -32.88 9.68 -9.38
N ASP B 175 -33.70 10.73 -9.55
CA ASP B 175 -34.01 11.27 -10.86
C ASP B 175 -32.96 12.32 -11.19
N ILE B 176 -32.09 12.01 -12.15
CA ILE B 176 -30.89 12.82 -12.35
C ILE B 176 -31.26 14.24 -12.75
N GLU B 177 -32.24 14.40 -13.65
CA GLU B 177 -32.59 15.73 -14.11
C GLU B 177 -33.08 16.62 -12.97
N THR B 178 -33.95 16.10 -12.11
CA THR B 178 -34.44 16.86 -10.97
C THR B 178 -33.46 16.87 -9.81
N GLY B 179 -32.63 15.83 -9.70
CA GLY B 179 -31.68 15.76 -8.61
C GLY B 179 -32.29 15.47 -7.26
N GLN B 180 -33.41 14.74 -7.23
CA GLN B 180 -34.08 14.39 -6.00
C GLN B 180 -34.35 12.89 -5.96
N GLN B 181 -34.44 12.35 -4.75
CA GLN B 181 -34.67 10.93 -4.57
C GLN B 181 -36.08 10.57 -5.00
N THR B 182 -36.21 9.85 -6.11
CA THR B 182 -37.51 9.37 -6.54
C THR B 182 -38.08 8.38 -5.51
N THR B 183 -37.23 7.53 -4.96
CA THR B 183 -37.65 6.55 -3.98
C THR B 183 -36.49 6.31 -3.02
N THR B 184 -36.84 5.94 -1.77
CA THR B 184 -35.87 5.68 -0.73
C THR B 184 -36.08 4.29 -0.17
N PHE B 185 -34.98 3.58 0.08
CA PHE B 185 -34.99 2.23 0.63
C PHE B 185 -34.31 2.29 1.99
N THR B 186 -35.05 1.88 3.04
CA THR B 186 -34.57 2.00 4.41
C THR B 186 -34.67 0.70 5.19
N GLY B 187 -34.89 -0.43 4.51
CA GLY B 187 -35.02 -1.69 5.22
C GLY B 187 -33.73 -2.19 5.85
N HIS B 188 -32.57 -1.77 5.33
CA HIS B 188 -31.30 -2.25 5.85
C HIS B 188 -31.00 -1.61 7.20
N THR B 189 -30.55 -2.43 8.15
CA THR B 189 -30.15 -1.94 9.46
C THR B 189 -28.68 -1.57 9.54
N GLY B 190 -27.82 -2.23 8.76
CA GLY B 190 -26.40 -1.95 8.76
C GLY B 190 -25.96 -1.19 7.51
N ASP B 191 -24.66 -0.90 7.48
CA ASP B 191 -24.07 -0.19 6.36
C ASP B 191 -24.27 -0.97 5.07
N VAL B 192 -24.74 -0.30 4.02
CA VAL B 192 -24.91 -0.93 2.72
C VAL B 192 -23.63 -0.74 1.92
N MET B 193 -23.11 -1.84 1.37
CA MET B 193 -21.80 -1.82 0.73
C MET B 193 -21.84 -1.99 -0.78
N SER B 194 -22.75 -2.80 -1.32
CA SER B 194 -22.73 -3.11 -2.74
C SER B 194 -24.14 -3.15 -3.29
N LEU B 195 -24.26 -2.84 -4.58
CA LEU B 195 -25.53 -2.87 -5.30
C LEU B 195 -25.36 -3.71 -6.57
N SER B 196 -26.47 -4.22 -7.07
CA SER B 196 -26.49 -5.00 -8.31
C SER B 196 -27.86 -4.89 -8.96
N LEU B 197 -27.89 -4.42 -10.20
CA LEU B 197 -29.13 -4.31 -10.95
C LEU B 197 -29.44 -5.63 -11.64
N ALA B 198 -30.73 -5.97 -11.68
CA ALA B 198 -31.15 -7.16 -12.40
C ALA B 198 -31.06 -6.91 -13.91
N PRO B 199 -30.99 -7.96 -14.72
CA PRO B 199 -30.91 -7.74 -16.17
C PRO B 199 -32.07 -6.92 -16.72
N ASP B 200 -33.28 -7.10 -16.19
CA ASP B 200 -34.43 -6.32 -16.61
C ASP B 200 -34.52 -4.95 -15.93
N THR B 201 -33.70 -4.71 -14.90
CA THR B 201 -33.70 -3.46 -14.16
C THR B 201 -34.96 -3.28 -13.32
N ARG B 202 -35.84 -4.28 -13.29
CA ARG B 202 -37.03 -4.21 -12.46
C ARG B 202 -36.72 -4.42 -10.98
N LEU B 203 -35.65 -5.16 -10.68
CA LEU B 203 -35.28 -5.47 -9.31
C LEU B 203 -33.79 -5.25 -9.13
N PHE B 204 -33.40 -4.94 -7.90
CA PHE B 204 -32.00 -4.85 -7.52
C PHE B 204 -31.85 -5.34 -6.09
N VAL B 205 -30.67 -5.89 -5.79
CA VAL B 205 -30.39 -6.48 -4.49
C VAL B 205 -29.16 -5.78 -3.91
N SER B 206 -29.25 -5.44 -2.63
CA SER B 206 -28.19 -4.72 -1.95
C SER B 206 -27.71 -5.51 -0.74
N GLY B 207 -26.40 -5.67 -0.64
CA GLY B 207 -25.79 -6.27 0.53
C GLY B 207 -25.37 -5.21 1.52
N ALA B 208 -25.33 -5.59 2.79
CA ALA B 208 -25.05 -4.63 3.85
C ALA B 208 -24.19 -5.30 4.92
N CYS B 209 -23.63 -4.46 5.81
CA CYS B 209 -22.81 -4.94 6.90
C CYS B 209 -23.59 -5.72 7.94
N ASP B 210 -24.92 -5.69 7.88
CA ASP B 210 -25.74 -6.50 8.78
C ASP B 210 -25.76 -7.97 8.39
N ALA B 211 -24.93 -8.38 7.41
CA ALA B 211 -24.80 -9.76 6.98
C ALA B 211 -26.04 -10.26 6.25
N SER B 212 -26.95 -9.37 5.87
CA SER B 212 -28.17 -9.77 5.17
C SER B 212 -28.25 -9.10 3.81
N ALA B 213 -28.78 -9.84 2.83
CA ALA B 213 -29.03 -9.32 1.49
C ALA B 213 -30.53 -9.15 1.28
N LYS B 214 -30.90 -8.02 0.69
CA LYS B 214 -32.30 -7.66 0.49
C LYS B 214 -32.57 -7.41 -0.98
N LEU B 215 -33.69 -7.94 -1.47
CA LEU B 215 -34.13 -7.75 -2.84
C LEU B 215 -35.20 -6.67 -2.86
N TRP B 216 -34.98 -5.63 -3.68
CA TRP B 216 -35.82 -4.45 -3.69
C TRP B 216 -36.49 -4.28 -5.05
N ASP B 217 -37.68 -3.70 -5.04
CA ASP B 217 -38.40 -3.35 -6.25
C ASP B 217 -38.16 -1.88 -6.56
N VAL B 218 -37.64 -1.60 -7.76
CA VAL B 218 -37.26 -0.23 -8.10
C VAL B 218 -38.47 0.68 -8.09
N ARG B 219 -39.56 0.26 -8.76
CA ARG B 219 -40.73 1.12 -8.91
C ARG B 219 -41.55 1.23 -7.62
N GLU B 220 -41.69 0.13 -6.89
CA GLU B 220 -42.57 0.12 -5.71
C GLU B 220 -41.85 0.51 -4.42
N GLY B 221 -40.52 0.53 -4.42
CA GLY B 221 -39.79 0.99 -3.26
C GLY B 221 -39.98 0.16 -2.00
N MET B 222 -39.87 -1.17 -2.10
CA MET B 222 -39.92 -2.04 -0.94
C MET B 222 -39.06 -3.26 -1.19
N CYS B 223 -38.62 -3.89 -0.11
CA CYS B 223 -37.78 -5.09 -0.20
C CYS B 223 -38.66 -6.33 -0.28
N ARG B 224 -38.50 -7.10 -1.35
CA ARG B 224 -39.31 -8.30 -1.54
C ARG B 224 -38.87 -9.42 -0.62
N GLN B 225 -37.56 -9.61 -0.46
CA GLN B 225 -37.05 -10.73 0.32
C GLN B 225 -35.80 -10.29 1.08
N THR B 226 -35.49 -11.04 2.14
CA THR B 226 -34.28 -10.82 2.94
C THR B 226 -33.55 -12.15 3.07
N PHE B 227 -32.26 -12.16 2.76
CA PHE B 227 -31.42 -13.34 2.87
C PHE B 227 -30.38 -13.10 3.96
N THR B 228 -30.25 -14.05 4.89
CA THR B 228 -29.36 -13.90 6.03
C THR B 228 -28.38 -15.08 6.14
N GLY B 229 -27.96 -15.66 5.02
CA GLY B 229 -27.02 -16.76 5.07
C GLY B 229 -25.67 -16.36 5.62
N HIS B 230 -25.20 -15.17 5.28
CA HIS B 230 -23.89 -14.72 5.72
C HIS B 230 -23.92 -14.34 7.19
N GLU B 231 -22.75 -14.43 7.84
CA GLU B 231 -22.58 -14.05 9.23
C GLU B 231 -21.49 -13.00 9.39
N SER B 232 -21.28 -12.20 8.36
CA SER B 232 -20.24 -11.16 8.39
C SER B 232 -20.64 -10.06 7.41
N ASP B 233 -19.86 -8.99 7.42
CA ASP B 233 -20.15 -7.84 6.58
C ASP B 233 -20.11 -8.24 5.11
N ILE B 234 -21.20 -7.97 4.39
CA ILE B 234 -21.28 -8.28 2.97
C ILE B 234 -20.67 -7.12 2.19
N ASN B 235 -19.67 -7.43 1.36
CA ASN B 235 -18.95 -6.39 0.62
C ASN B 235 -19.31 -6.35 -0.86
N ALA B 236 -19.76 -7.46 -1.43
CA ALA B 236 -20.02 -7.56 -2.86
C ALA B 236 -21.31 -8.32 -3.11
N ILE B 237 -21.95 -8.03 -4.24
CA ILE B 237 -23.18 -8.70 -4.64
C ILE B 237 -23.34 -8.56 -6.15
N CYS B 238 -23.86 -9.61 -6.78
CA CYS B 238 -24.05 -9.62 -8.22
C CYS B 238 -25.11 -10.65 -8.58
N PHE B 239 -25.98 -10.29 -9.52
CA PHE B 239 -27.01 -11.21 -9.99
C PHE B 239 -26.40 -12.30 -10.87
N PHE B 240 -26.98 -13.49 -10.80
CA PHE B 240 -26.75 -14.50 -11.81
C PHE B 240 -27.30 -13.99 -13.14
N PRO B 241 -26.65 -14.30 -14.27
CA PRO B 241 -26.98 -13.60 -15.53
C PRO B 241 -28.46 -13.70 -15.92
N ASN B 242 -29.18 -14.75 -15.53
CA ASN B 242 -30.60 -14.85 -15.85
C ASN B 242 -31.47 -13.99 -14.96
N GLY B 243 -30.92 -13.44 -13.88
CA GLY B 243 -31.67 -12.59 -12.98
C GLY B 243 -32.46 -13.32 -11.91
N ASN B 244 -32.49 -14.65 -11.93
CA ASN B 244 -33.23 -15.42 -10.93
C ASN B 244 -32.41 -15.71 -9.67
N ALA B 245 -31.11 -15.43 -9.69
CA ALA B 245 -30.26 -15.73 -8.55
C ALA B 245 -29.16 -14.68 -8.46
N PHE B 246 -28.52 -14.60 -7.29
CA PHE B 246 -27.43 -13.67 -7.07
C PHE B 246 -26.45 -14.27 -6.08
N ALA B 247 -25.20 -13.80 -6.16
CA ALA B 247 -24.14 -14.23 -5.27
C ALA B 247 -23.59 -13.03 -4.51
N THR B 248 -23.07 -13.29 -3.32
CA THR B 248 -22.60 -12.24 -2.42
C THR B 248 -21.18 -12.53 -1.96
N GLY B 249 -20.44 -11.45 -1.70
CA GLY B 249 -19.13 -11.56 -1.09
C GLY B 249 -19.12 -10.81 0.23
N SER B 250 -18.40 -11.39 1.19
CA SER B 250 -18.40 -10.87 2.55
C SER B 250 -17.05 -11.13 3.20
N ASP B 251 -16.86 -10.53 4.37
CA ASP B 251 -15.65 -10.79 5.16
C ASP B 251 -15.62 -12.18 5.75
N ASP B 252 -16.72 -12.94 5.64
CA ASP B 252 -16.79 -14.32 6.12
C ASP B 252 -15.87 -15.26 5.33
N ALA B 253 -15.15 -14.77 4.32
CA ALA B 253 -14.22 -15.58 3.54
C ALA B 253 -14.93 -16.66 2.75
N THR B 254 -16.20 -16.45 2.42
CA THR B 254 -16.98 -17.40 1.64
C THR B 254 -17.96 -16.64 0.75
N CYS B 255 -18.33 -17.27 -0.36
CA CYS B 255 -19.37 -16.76 -1.24
C CYS B 255 -20.61 -17.62 -1.10
N ARG B 256 -21.77 -16.98 -1.23
CA ARG B 256 -23.05 -17.65 -1.09
C ARG B 256 -23.95 -17.28 -2.25
N LEU B 257 -24.61 -18.27 -2.83
CA LEU B 257 -25.52 -18.09 -3.96
C LEU B 257 -26.96 -18.23 -3.46
N PHE B 258 -27.79 -17.26 -3.83
CA PHE B 258 -29.18 -17.22 -3.40
C PHE B 258 -30.08 -17.12 -4.63
N ASP B 259 -31.24 -17.77 -4.57
CA ASP B 259 -32.24 -17.71 -5.62
C ASP B 259 -33.46 -16.93 -5.10
N LEU B 260 -33.94 -15.99 -5.91
CA LEU B 260 -35.08 -15.18 -5.48
C LEU B 260 -36.31 -16.05 -5.27
N ARG B 261 -36.56 -17.00 -6.16
CA ARG B 261 -37.72 -17.87 -6.03
C ARG B 261 -37.59 -18.83 -4.85
N ALA B 262 -36.40 -19.37 -4.61
CA ALA B 262 -36.20 -20.27 -3.48
C ALA B 262 -36.18 -19.51 -2.15
N ASP B 263 -35.85 -18.21 -2.17
CA ASP B 263 -35.85 -17.38 -0.97
C ASP B 263 -34.90 -17.93 0.09
N GLN B 264 -33.74 -18.43 -0.33
CA GLN B 264 -32.74 -18.90 0.61
C GLN B 264 -31.44 -19.19 -0.14
N GLU B 265 -30.38 -19.41 0.63
CA GLU B 265 -29.09 -19.77 0.06
C GLU B 265 -29.19 -21.09 -0.68
N LEU B 266 -28.61 -21.15 -1.88
CA LEU B 266 -28.56 -22.40 -2.63
C LEU B 266 -27.29 -23.18 -2.32
N MET B 267 -26.14 -22.53 -2.40
CA MET B 267 -24.86 -23.22 -2.31
C MET B 267 -23.79 -22.22 -1.93
N THR B 268 -22.67 -22.73 -1.42
CA THR B 268 -21.61 -21.89 -0.88
C THR B 268 -20.29 -22.24 -1.54
N TYR B 269 -19.39 -21.25 -1.55
CA TYR B 269 -18.04 -21.40 -2.10
C TYR B 269 -17.04 -21.04 -1.01
N SER B 270 -16.21 -22.01 -0.63
CA SER B 270 -15.24 -21.78 0.43
C SER B 270 -14.12 -22.82 0.31
N HIS B 271 -13.02 -22.53 0.99
CA HIS B 271 -11.86 -23.43 1.01
C HIS B 271 -11.12 -23.25 2.32
N ASP B 272 -10.35 -24.27 2.68
CA ASP B 272 -9.55 -24.19 3.91
C ASP B 272 -8.33 -23.30 3.74
N ASN B 273 -7.91 -23.02 2.51
CA ASN B 273 -6.74 -22.20 2.25
C ASN B 273 -7.07 -20.72 2.11
N ILE B 274 -8.33 -20.34 2.24
CA ILE B 274 -8.76 -18.94 2.15
C ILE B 274 -9.32 -18.54 3.50
N ILE B 275 -8.80 -17.45 4.07
CA ILE B 275 -9.19 -17.01 5.40
C ILE B 275 -9.53 -15.53 5.40
N CYS B 276 -9.21 -14.84 4.31
CA CYS B 276 -9.40 -13.39 4.22
C CYS B 276 -10.76 -13.06 3.62
N GLY B 277 -11.11 -11.78 3.70
CA GLY B 277 -12.41 -11.33 3.22
C GLY B 277 -12.47 -11.26 1.71
N ILE B 278 -13.67 -10.97 1.21
CA ILE B 278 -13.96 -10.91 -0.21
C ILE B 278 -14.40 -9.49 -0.55
N THR B 279 -13.82 -8.92 -1.61
CA THR B 279 -14.09 -7.54 -1.98
C THR B 279 -15.11 -7.41 -3.11
N SER B 280 -15.01 -8.24 -4.13
CA SER B 280 -15.87 -8.12 -5.31
C SER B 280 -16.27 -9.50 -5.80
N VAL B 281 -17.39 -9.56 -6.52
CA VAL B 281 -17.88 -10.79 -7.11
C VAL B 281 -18.53 -10.47 -8.44
N SER B 282 -18.43 -11.39 -9.39
CA SER B 282 -19.00 -11.20 -10.71
C SER B 282 -19.24 -12.57 -11.34
N PHE B 283 -20.08 -12.58 -12.37
CA PHE B 283 -20.43 -13.79 -13.10
C PHE B 283 -20.05 -13.65 -14.57
N SER B 284 -19.68 -14.79 -15.17
CA SER B 284 -19.45 -14.81 -16.60
C SER B 284 -20.76 -14.64 -17.35
N LYS B 285 -20.67 -14.61 -18.69
CA LYS B 285 -21.86 -14.42 -19.50
C LYS B 285 -22.87 -15.53 -19.28
N SER B 286 -22.41 -16.79 -19.24
CA SER B 286 -23.30 -17.91 -19.03
C SER B 286 -23.61 -18.16 -17.56
N GLY B 287 -22.88 -17.52 -16.64
CA GLY B 287 -23.09 -17.72 -15.23
C GLY B 287 -22.44 -18.94 -14.64
N ARG B 288 -21.72 -19.73 -15.44
CA ARG B 288 -21.09 -20.93 -14.92
C ARG B 288 -19.90 -20.62 -14.03
N LEU B 289 -19.19 -19.53 -14.32
CA LEU B 289 -18.00 -19.16 -13.57
C LEU B 289 -18.31 -17.98 -12.64
N LEU B 290 -17.97 -18.12 -11.37
CA LEU B 290 -18.12 -17.06 -10.38
C LEU B 290 -16.74 -16.53 -10.04
N LEU B 291 -16.47 -15.29 -10.42
CA LEU B 291 -15.18 -14.64 -10.20
C LEU B 291 -15.31 -13.68 -9.04
N ALA B 292 -14.44 -13.83 -8.03
CA ALA B 292 -14.48 -13.01 -6.82
C ALA B 292 -13.08 -12.52 -6.49
N GLY B 293 -12.98 -11.30 -5.99
CA GLY B 293 -11.72 -10.74 -5.51
C GLY B 293 -11.59 -10.94 -4.02
N TYR B 294 -10.35 -11.15 -3.58
CA TYR B 294 -10.06 -11.46 -2.18
C TYR B 294 -9.00 -10.51 -1.63
N ASP B 295 -8.99 -10.36 -0.31
CA ASP B 295 -8.09 -9.42 0.33
C ASP B 295 -6.64 -9.86 0.23
N ASP B 296 -6.39 -11.12 -0.10
CA ASP B 296 -5.02 -11.65 -0.15
C ASP B 296 -4.38 -11.54 -1.52
N PHE B 297 -4.79 -10.54 -2.30
CA PHE B 297 -4.10 -10.08 -3.50
C PHE B 297 -4.34 -10.96 -4.72
N ASN B 298 -5.28 -11.90 -4.68
CA ASN B 298 -5.59 -12.73 -5.84
C ASN B 298 -7.10 -12.92 -5.94
N CYS B 299 -7.55 -13.30 -7.14
CA CYS B 299 -8.95 -13.54 -7.43
C CYS B 299 -9.14 -15.02 -7.75
N ASN B 300 -10.06 -15.66 -7.06
CA ASN B 300 -10.35 -17.08 -7.27
C ASN B 300 -11.56 -17.24 -8.18
N VAL B 301 -11.39 -18.07 -9.21
CA VAL B 301 -12.47 -18.39 -10.15
C VAL B 301 -13.14 -19.66 -9.66
N TRP B 302 -14.44 -19.57 -9.39
CA TRP B 302 -15.22 -20.67 -8.83
C TRP B 302 -16.22 -21.17 -9.85
N ASP B 303 -16.41 -22.49 -9.88
CA ASP B 303 -17.47 -23.10 -10.67
C ASP B 303 -18.80 -22.82 -9.98
N ALA B 304 -19.65 -22.02 -10.61
CA ALA B 304 -20.89 -21.60 -9.98
C ALA B 304 -21.76 -22.78 -9.57
N LEU B 305 -21.63 -23.92 -10.25
CA LEU B 305 -22.42 -25.10 -9.93
C LEU B 305 -21.69 -26.06 -9.00
N LYS B 306 -20.38 -26.24 -9.19
CA LYS B 306 -19.62 -27.17 -8.38
C LYS B 306 -18.96 -26.49 -7.18
N ALA B 307 -18.58 -25.22 -7.31
CA ALA B 307 -17.89 -24.48 -6.26
C ALA B 307 -16.52 -25.10 -5.97
N ASP B 308 -15.78 -25.37 -7.04
CA ASP B 308 -14.40 -25.80 -6.96
C ASP B 308 -13.53 -24.77 -7.66
N ARG B 309 -12.30 -24.62 -7.18
CA ARG B 309 -11.42 -23.57 -7.68
C ARG B 309 -10.99 -23.94 -9.10
N ALA B 310 -11.70 -23.36 -10.07
CA ALA B 310 -11.38 -23.60 -11.48
C ALA B 310 -10.16 -22.83 -11.94
N GLY B 311 -9.86 -21.71 -11.31
CA GLY B 311 -8.69 -20.92 -11.68
C GLY B 311 -8.44 -19.84 -10.66
N VAL B 312 -7.27 -19.23 -10.77
CA VAL B 312 -6.84 -18.19 -9.85
C VAL B 312 -6.15 -17.08 -10.64
N LEU B 313 -6.42 -15.84 -10.28
CA LEU B 313 -5.78 -14.68 -10.87
C LEU B 313 -4.94 -14.00 -9.79
N ALA B 314 -3.62 -13.91 -10.04
CA ALA B 314 -2.69 -13.38 -9.05
C ALA B 314 -1.73 -12.35 -9.63
N GLY B 315 -2.21 -11.41 -10.44
CA GLY B 315 -1.36 -10.40 -11.04
C GLY B 315 -1.37 -9.09 -10.30
N HIS B 316 -1.82 -9.10 -9.04
CA HIS B 316 -1.93 -7.90 -8.23
C HIS B 316 -1.06 -8.02 -6.98
N ASP B 317 -0.39 -6.93 -6.64
CA ASP B 317 0.49 -6.89 -5.48
C ASP B 317 -0.20 -6.39 -4.22
N ASN B 318 -1.47 -5.98 -4.32
CA ASN B 318 -2.19 -5.45 -3.18
C ASN B 318 -3.65 -5.90 -3.27
N ARG B 319 -4.42 -5.50 -2.25
CA ARG B 319 -5.83 -5.87 -2.16
C ARG B 319 -6.57 -5.66 -3.48
N VAL B 320 -7.22 -6.70 -3.97
CA VAL B 320 -8.08 -6.58 -5.14
C VAL B 320 -9.39 -5.93 -4.69
N SER B 321 -9.63 -4.70 -5.11
CA SER B 321 -10.78 -3.95 -4.61
C SER B 321 -12.03 -4.15 -5.45
N CYS B 322 -11.88 -4.45 -6.74
CA CYS B 322 -13.01 -4.50 -7.64
C CYS B 322 -12.77 -5.52 -8.74
N LEU B 323 -13.85 -5.97 -9.36
CA LEU B 323 -13.81 -6.94 -10.43
C LEU B 323 -15.04 -6.76 -11.30
N GLY B 324 -14.88 -6.97 -12.60
CA GLY B 324 -15.98 -6.80 -13.53
C GLY B 324 -15.80 -7.52 -14.84
N VAL B 325 -16.84 -8.18 -15.31
CA VAL B 325 -16.81 -8.91 -16.57
C VAL B 325 -17.53 -8.08 -17.63
N THR B 326 -17.03 -8.15 -18.86
CA THR B 326 -17.65 -7.41 -19.96
C THR B 326 -19.04 -7.96 -20.26
N ASP B 327 -19.90 -7.09 -20.78
CA ASP B 327 -21.25 -7.51 -21.14
C ASP B 327 -21.23 -8.62 -22.19
N ASP B 328 -20.28 -8.57 -23.12
CA ASP B 328 -20.14 -9.61 -24.13
C ASP B 328 -19.39 -10.83 -23.63
N GLY B 329 -18.80 -10.77 -22.43
CA GLY B 329 -18.05 -11.88 -21.89
C GLY B 329 -16.67 -12.07 -22.47
N MET B 330 -16.18 -11.12 -23.27
CA MET B 330 -14.86 -11.28 -23.88
C MET B 330 -13.76 -11.36 -22.84
N ALA B 331 -13.81 -10.52 -21.81
CA ALA B 331 -12.75 -10.45 -20.82
C ALA B 331 -13.30 -9.99 -19.48
N VAL B 332 -12.51 -10.19 -18.44
CA VAL B 332 -12.84 -9.75 -17.08
C VAL B 332 -11.70 -8.86 -16.61
N ALA B 333 -12.05 -7.66 -16.14
CA ALA B 333 -11.08 -6.71 -15.62
C ALA B 333 -11.08 -6.74 -14.09
N THR B 334 -9.91 -6.52 -13.51
CA THR B 334 -9.74 -6.53 -12.06
C THR B 334 -8.92 -5.33 -11.64
N GLY B 335 -9.41 -4.61 -10.64
CA GLY B 335 -8.67 -3.51 -10.06
C GLY B 335 -8.08 -3.90 -8.71
N SER B 336 -7.06 -3.18 -8.27
CA SER B 336 -6.39 -3.50 -7.01
C SER B 336 -5.81 -2.24 -6.42
N TRP B 337 -5.45 -2.32 -5.14
CA TRP B 337 -4.87 -1.19 -4.44
C TRP B 337 -3.46 -0.87 -4.93
N ASP B 338 -2.87 -1.74 -5.75
CA ASP B 338 -1.55 -1.48 -6.32
C ASP B 338 -1.56 -0.45 -7.44
N SER B 339 -2.72 0.14 -7.74
CA SER B 339 -2.88 1.21 -8.72
C SER B 339 -2.85 0.73 -10.16
N PHE B 340 -3.11 -0.56 -10.40
CA PHE B 340 -3.08 -1.12 -11.75
C PHE B 340 -4.33 -1.96 -11.99
N LEU B 341 -4.82 -1.93 -13.23
CA LEU B 341 -5.90 -2.81 -13.65
C LEU B 341 -5.34 -3.92 -14.52
N LYS B 342 -5.70 -5.16 -14.20
CA LYS B 342 -5.29 -6.32 -14.98
C LYS B 342 -6.51 -6.92 -15.67
N ILE B 343 -6.46 -7.02 -16.98
CA ILE B 343 -7.53 -7.61 -17.79
C ILE B 343 -7.14 -9.04 -18.10
N TRP B 344 -8.05 -9.97 -17.80
CA TRP B 344 -7.79 -11.39 -17.93
C TRP B 344 -8.75 -12.00 -18.95
N ASN B 345 -8.21 -12.84 -19.83
CA ASN B 345 -9.01 -13.52 -20.84
C ASN B 345 -8.61 -14.98 -20.94
N THR C 6 -41.70 7.33 21.98
CA THR C 6 -40.48 6.78 21.33
C THR C 6 -40.81 6.17 19.97
N ALA C 7 -39.79 5.98 19.13
CA ALA C 7 -39.99 5.40 17.81
C ALA C 7 -39.91 3.88 17.82
N SER C 8 -39.73 3.27 18.99
CA SER C 8 -39.62 1.81 19.04
C SER C 8 -40.91 1.14 18.56
N ILE C 9 -42.06 1.66 18.97
CA ILE C 9 -43.33 1.05 18.59
C ILE C 9 -43.53 1.14 17.08
N ALA C 10 -43.25 2.31 16.50
CA ALA C 10 -43.41 2.47 15.05
C ALA C 10 -42.43 1.57 14.30
N GLN C 11 -41.19 1.49 14.76
CA GLN C 11 -40.21 0.61 14.12
C GLN C 11 -40.66 -0.84 14.18
N ALA C 12 -41.18 -1.28 15.33
CA ALA C 12 -41.65 -2.65 15.45
C ALA C 12 -42.83 -2.90 14.53
N ARG C 13 -43.77 -1.94 14.43
CA ARG C 13 -44.92 -2.11 13.55
C ARG C 13 -44.48 -2.24 12.09
N LYS C 14 -43.56 -1.38 11.67
CA LYS C 14 -43.04 -1.47 10.30
C LYS C 14 -42.33 -2.79 10.07
N LEU C 15 -41.55 -3.25 11.06
CA LEU C 15 -40.87 -4.53 10.94
C LEU C 15 -41.84 -5.69 10.77
N VAL C 16 -42.90 -5.71 11.58
CA VAL C 16 -43.85 -6.83 11.49
C VAL C 16 -44.61 -6.77 10.17
N GLU C 17 -44.93 -5.56 9.70
CA GLU C 17 -45.56 -5.44 8.38
C GLU C 17 -44.67 -5.98 7.29
N GLN C 18 -43.38 -5.64 7.33
CA GLN C 18 -42.47 -6.08 6.28
C GLN C 18 -42.28 -7.59 6.33
N LEU C 19 -42.16 -8.16 7.55
CA LEU C 19 -42.05 -9.61 7.66
C LEU C 19 -43.31 -10.31 7.18
N LYS C 20 -44.48 -9.75 7.47
CA LYS C 20 -45.71 -10.32 6.97
C LYS C 20 -45.74 -10.31 5.44
N MET C 21 -45.29 -9.21 4.84
CA MET C 21 -45.19 -9.19 3.38
C MET C 21 -44.22 -10.26 2.88
N GLU C 22 -43.07 -10.39 3.53
CA GLU C 22 -42.06 -11.35 3.09
C GLU C 22 -42.59 -12.78 3.16
N ALA C 23 -43.30 -13.12 4.22
CA ALA C 23 -43.74 -14.50 4.41
C ALA C 23 -44.69 -14.95 3.32
N ASN C 24 -45.54 -14.04 2.83
CA ASN C 24 -46.60 -14.41 1.90
C ASN C 24 -46.10 -14.80 0.52
N ILE C 25 -44.82 -14.59 0.21
CA ILE C 25 -44.34 -14.85 -1.14
C ILE C 25 -44.44 -16.34 -1.45
N ASP C 26 -44.51 -16.66 -2.74
CA ASP C 26 -44.55 -18.05 -3.18
C ASP C 26 -43.11 -18.54 -3.40
N ARG C 27 -42.80 -19.71 -2.84
CA ARG C 27 -41.47 -20.30 -2.93
C ARG C 27 -41.53 -21.58 -3.74
N ILE C 28 -40.61 -21.72 -4.69
CA ILE C 28 -40.56 -22.87 -5.57
C ILE C 28 -39.47 -23.82 -5.10
N LYS C 29 -39.57 -25.08 -5.53
CA LYS C 29 -38.69 -26.12 -5.04
C LYS C 29 -37.23 -25.79 -5.32
N VAL C 30 -36.36 -26.14 -4.36
CA VAL C 30 -34.94 -25.90 -4.52
C VAL C 30 -34.38 -26.69 -5.70
N SER C 31 -34.79 -27.95 -5.85
CA SER C 31 -34.32 -28.75 -6.98
C SER C 31 -34.74 -28.11 -8.29
N LYS C 32 -35.92 -27.51 -8.34
CA LYS C 32 -36.36 -26.82 -9.55
C LYS C 32 -35.44 -25.64 -9.87
N ALA C 33 -35.07 -24.87 -8.85
CA ALA C 33 -34.16 -23.75 -9.07
C ALA C 33 -32.80 -24.24 -9.56
N ALA C 34 -32.28 -25.32 -8.96
CA ALA C 34 -31.01 -25.86 -9.40
C ALA C 34 -31.09 -26.33 -10.84
N ALA C 35 -32.19 -26.98 -11.21
CA ALA C 35 -32.38 -27.42 -12.59
C ALA C 35 -32.45 -26.23 -13.54
N ASP C 36 -33.13 -25.15 -13.14
CA ASP C 36 -33.19 -23.97 -14.00
C ASP C 36 -31.81 -23.35 -14.18
N LEU C 37 -31.02 -23.27 -13.11
CA LEU C 37 -29.67 -22.74 -13.23
C LEU C 37 -28.82 -23.63 -14.14
N MET C 38 -28.94 -24.95 -14.00
CA MET C 38 -28.21 -25.86 -14.88
C MET C 38 -28.62 -25.67 -16.33
N ALA C 39 -29.92 -25.52 -16.58
CA ALA C 39 -30.40 -25.31 -17.94
C ALA C 39 -29.82 -24.03 -18.52
N TYR C 40 -29.82 -22.95 -17.76
CA TYR C 40 -29.26 -21.69 -18.25
C TYR C 40 -27.76 -21.85 -18.52
N CYS C 41 -27.04 -22.51 -17.62
CA CYS C 41 -25.60 -22.68 -17.80
C CYS C 41 -25.29 -23.47 -19.05
N GLU C 42 -26.01 -24.58 -19.26
CA GLU C 42 -25.74 -25.41 -20.44
C GLU C 42 -26.15 -24.70 -21.73
N ALA C 43 -27.27 -23.97 -21.70
CA ALA C 43 -27.73 -23.28 -22.88
C ALA C 43 -26.78 -22.18 -23.32
N HIS C 44 -25.97 -21.64 -22.42
CA HIS C 44 -25.05 -20.57 -22.72
C HIS C 44 -23.59 -20.92 -22.51
N ALA C 45 -23.28 -22.15 -22.08
CA ALA C 45 -21.88 -22.53 -21.89
C ALA C 45 -21.11 -22.45 -23.20
N LYS C 46 -21.76 -22.74 -24.33
CA LYS C 46 -21.08 -22.66 -25.62
C LYS C 46 -20.69 -21.22 -25.96
N GLU C 47 -21.38 -20.24 -25.40
CA GLU C 47 -21.15 -18.83 -25.70
C GLU C 47 -20.48 -18.10 -24.55
N ASP C 48 -19.67 -18.79 -23.75
CA ASP C 48 -18.94 -18.18 -22.64
C ASP C 48 -17.44 -18.23 -22.95
N PRO C 49 -16.84 -17.12 -23.41
CA PRO C 49 -15.40 -17.16 -23.74
C PRO C 49 -14.52 -17.61 -22.59
N LEU C 50 -14.82 -17.19 -21.36
CA LEU C 50 -14.01 -17.62 -20.22
C LEU C 50 -14.14 -19.12 -19.97
N LEU C 51 -15.37 -19.65 -20.07
CA LEU C 51 -15.56 -21.08 -19.87
C LEU C 51 -14.83 -21.89 -20.94
N THR C 52 -14.92 -21.46 -22.20
CA THR C 52 -14.24 -22.11 -23.31
C THR C 52 -13.49 -21.04 -24.09
N PRO C 53 -12.16 -21.00 -24.02
CA PRO C 53 -11.42 -19.93 -24.70
C PRO C 53 -11.72 -19.90 -26.20
N VAL C 54 -11.91 -18.69 -26.72
CA VAL C 54 -12.14 -18.48 -28.14
C VAL C 54 -10.80 -18.58 -28.87
N PRO C 55 -10.78 -18.82 -30.18
CA PRO C 55 -9.51 -18.87 -30.89
C PRO C 55 -8.88 -17.49 -30.99
N ALA C 56 -7.54 -17.49 -31.13
CA ALA C 56 -6.80 -16.23 -31.12
C ALA C 56 -7.30 -15.26 -32.18
N SER C 57 -7.71 -15.74 -33.36
CA SER C 57 -8.16 -14.85 -34.41
C SER C 57 -9.38 -14.04 -34.00
N GLU C 58 -10.35 -14.68 -33.33
CA GLU C 58 -11.56 -13.96 -32.91
C GLU C 58 -11.32 -13.09 -31.70
N ASN C 59 -10.43 -13.50 -30.80
CA ASN C 59 -10.18 -12.73 -29.58
C ASN C 59 -9.62 -11.35 -29.94
N PRO C 60 -10.25 -10.27 -29.48
CA PRO C 60 -9.75 -8.92 -29.85
C PRO C 60 -8.49 -8.51 -29.11
N PHE C 61 -8.03 -9.27 -28.12
CA PHE C 61 -6.90 -8.85 -27.30
C PHE C 61 -5.56 -9.35 -27.83
N ARG C 62 -5.56 -10.04 -28.97
CA ARG C 62 -4.31 -10.49 -29.58
C ARG C 62 -3.60 -9.33 -30.27
N LYS D 158 50.88 -24.10 0.07
CA LYS D 158 49.80 -25.10 -0.12
C LYS D 158 48.78 -24.61 -1.13
N VAL D 159 48.09 -25.54 -1.80
CA VAL D 159 47.11 -25.20 -2.81
C VAL D 159 45.75 -24.98 -2.15
N VAL D 160 45.73 -24.97 -0.81
CA VAL D 160 44.48 -24.72 -0.10
C VAL D 160 43.94 -23.33 -0.43
N LEU D 161 44.82 -22.39 -0.79
CA LEU D 161 44.37 -21.05 -1.15
C LEU D 161 43.42 -21.09 -2.33
N LEU D 162 43.57 -22.07 -3.23
CA LEU D 162 42.65 -22.17 -4.36
C LEU D 162 41.23 -22.39 -3.89
N THR D 163 41.03 -23.24 -2.88
CA THR D 163 39.69 -23.46 -2.33
C THR D 163 39.16 -22.19 -1.69
N PHE D 164 40.01 -21.48 -0.94
CA PHE D 164 39.55 -20.28 -0.23
C PHE D 164 39.18 -19.18 -1.21
N LEU D 165 40.07 -18.88 -2.17
CA LEU D 165 39.79 -17.82 -3.12
C LEU D 165 38.59 -18.16 -4.00
N SER D 166 38.49 -19.42 -4.44
CA SER D 166 37.35 -19.83 -5.23
C SER D 166 36.06 -19.71 -4.43
N THR D 167 36.08 -20.09 -3.16
CA THR D 167 34.91 -19.96 -2.31
C THR D 167 34.51 -18.50 -2.16
N VAL D 168 35.49 -17.61 -1.95
CA VAL D 168 35.19 -16.20 -1.80
C VAL D 168 34.54 -15.66 -3.07
N ILE D 169 35.10 -16.02 -4.23
CA ILE D 169 34.54 -15.57 -5.51
C ILE D 169 33.12 -16.09 -5.66
N LEU D 170 32.90 -17.36 -5.34
CA LEU D 170 31.57 -17.95 -5.51
C LEU D 170 30.55 -17.27 -4.61
N MET D 171 30.92 -17.03 -3.34
CA MET D 171 29.99 -16.37 -2.43
C MET D 171 29.69 -14.95 -2.89
N ALA D 172 30.70 -14.20 -3.33
CA ALA D 172 30.45 -12.85 -3.81
C ALA D 172 29.52 -12.84 -5.02
N ILE D 173 29.79 -13.71 -6.00
CA ILE D 173 28.95 -13.77 -7.18
C ILE D 173 27.53 -14.17 -6.81
N LEU D 174 27.38 -15.16 -5.93
CA LEU D 174 26.06 -15.61 -5.54
C LEU D 174 25.30 -14.50 -4.84
N GLY D 175 25.95 -13.79 -3.91
CA GLY D 175 25.28 -12.71 -3.20
C GLY D 175 24.84 -11.61 -4.15
N ASN D 176 25.73 -11.17 -5.04
CA ASN D 176 25.36 -10.12 -5.97
C ASN D 176 24.23 -10.54 -6.90
N LEU D 177 24.29 -11.78 -7.43
CA LEU D 177 23.23 -12.24 -8.30
C LEU D 177 21.90 -12.36 -7.56
N LEU D 178 21.93 -12.82 -6.31
CA LEU D 178 20.72 -12.87 -5.52
C LEU D 178 20.13 -11.48 -5.31
N VAL D 179 20.99 -10.51 -5.00
CA VAL D 179 20.50 -9.14 -4.81
C VAL D 179 19.83 -8.65 -6.10
N MET D 180 20.51 -8.82 -7.23
CA MET D 180 19.98 -8.30 -8.49
C MET D 180 18.67 -8.98 -8.87
N VAL D 181 18.61 -10.30 -8.75
CA VAL D 181 17.39 -11.02 -9.14
C VAL D 181 16.26 -10.71 -8.18
N ALA D 182 16.54 -10.55 -6.88
CA ALA D 182 15.50 -10.18 -5.94
C ALA D 182 14.94 -8.79 -6.27
N VAL D 183 15.81 -7.84 -6.61
CA VAL D 183 15.32 -6.52 -6.97
C VAL D 183 14.50 -6.59 -8.26
N CYS D 184 14.97 -7.34 -9.25
CA CYS D 184 14.26 -7.40 -10.52
C CYS D 184 12.89 -8.06 -10.38
N TRP D 185 12.84 -9.22 -9.73
CA TRP D 185 11.58 -9.94 -9.59
C TRP D 185 10.60 -9.16 -8.73
N ASP D 186 11.06 -8.63 -7.60
CA ASP D 186 10.20 -7.92 -6.68
C ASP D 186 9.92 -6.54 -7.27
N ARG D 187 8.80 -6.44 -8.00
CA ARG D 187 8.43 -5.19 -8.63
C ARG D 187 8.12 -4.10 -7.61
N GLN D 188 7.85 -4.47 -6.36
CA GLN D 188 7.67 -3.48 -5.30
C GLN D 188 8.99 -2.87 -4.84
N LEU D 189 10.11 -3.58 -5.03
CA LEU D 189 11.42 -2.99 -4.78
C LEU D 189 11.82 -2.04 -5.91
N ARG D 190 11.40 -2.36 -7.14
CA ARG D 190 11.81 -1.56 -8.29
C ARG D 190 11.24 -0.16 -8.24
N LYS D 191 10.06 0.02 -7.66
CA LYS D 191 9.42 1.33 -7.63
C LYS D 191 10.14 2.30 -6.69
N ILE D 192 11.00 1.80 -5.81
CA ILE D 192 11.73 2.64 -4.87
C ILE D 192 13.08 2.97 -5.50
N LYS D 193 13.35 4.27 -5.67
CA LYS D 193 14.60 4.68 -6.30
C LYS D 193 15.80 4.40 -5.39
N THR D 194 15.58 4.31 -4.08
CA THR D 194 16.68 3.99 -3.17
C THR D 194 17.29 2.64 -3.50
N ASN D 195 16.47 1.71 -4.02
CA ASN D 195 16.97 0.39 -4.36
C ASN D 195 17.90 0.42 -5.57
N TYR D 196 17.81 1.47 -6.40
CA TYR D 196 18.67 1.55 -7.58
C TYR D 196 20.15 1.62 -7.19
N PHE D 197 20.47 2.37 -6.13
CA PHE D 197 21.85 2.42 -5.68
C PHE D 197 22.34 1.04 -5.26
N ILE D 198 21.50 0.27 -4.56
CA ILE D 198 21.90 -1.06 -4.13
C ILE D 198 22.09 -1.98 -5.33
N VAL D 199 21.24 -1.86 -6.36
CA VAL D 199 21.40 -2.67 -7.56
C VAL D 199 22.72 -2.35 -8.25
N SER D 200 23.05 -1.06 -8.35
CA SER D 200 24.31 -0.67 -8.96
C SER D 200 25.49 -1.17 -8.15
N LEU D 201 25.41 -1.09 -6.82
CA LEU D 201 26.47 -1.61 -5.98
C LEU D 201 26.65 -3.11 -6.18
N ALA D 202 25.54 -3.85 -6.25
CA ALA D 202 25.61 -5.28 -6.48
C ALA D 202 26.24 -5.60 -7.83
N PHE D 203 25.87 -4.85 -8.87
CA PHE D 203 26.47 -5.08 -10.19
C PHE D 203 27.96 -4.77 -10.16
N ALA D 204 28.36 -3.70 -9.49
CA ALA D 204 29.79 -3.37 -9.40
C ALA D 204 30.55 -4.46 -8.66
N ASP D 205 29.98 -4.98 -7.56
CA ASP D 205 30.63 -6.06 -6.83
C ASP D 205 30.71 -7.33 -7.67
N LEU D 206 29.67 -7.63 -8.44
CA LEU D 206 29.72 -8.79 -9.33
C LEU D 206 30.80 -8.61 -10.39
N LEU D 207 30.91 -7.40 -10.94
CA LEU D 207 31.97 -7.12 -11.91
C LEU D 207 33.33 -7.32 -11.28
N VAL D 208 33.50 -6.87 -10.04
CA VAL D 208 34.75 -7.13 -9.32
C VAL D 208 34.99 -8.63 -9.25
N SER D 209 33.97 -9.38 -8.83
CA SER D 209 34.13 -10.81 -8.58
C SER D 209 34.35 -11.61 -9.86
N VAL D 210 34.02 -11.06 -11.02
CA VAL D 210 34.15 -11.79 -12.28
C VAL D 210 35.36 -11.34 -13.08
N LEU D 211 35.80 -10.09 -12.93
CA LEU D 211 36.89 -9.55 -13.74
C LEU D 211 38.14 -9.22 -12.95
N VAL D 212 38.11 -9.29 -11.62
CA VAL D 212 39.25 -8.88 -10.80
C VAL D 212 39.65 -10.03 -9.89
N MET D 213 38.71 -10.54 -9.09
CA MET D 213 39.04 -11.60 -8.16
C MET D 213 39.63 -12.83 -8.85
N PRO D 214 39.01 -13.37 -9.91
CA PRO D 214 39.61 -14.57 -10.54
C PRO D 214 41.01 -14.31 -11.08
N PHE D 215 41.26 -13.11 -11.61
CA PHE D 215 42.58 -12.83 -12.17
C PHE D 215 43.63 -12.77 -11.06
N GLY D 216 43.30 -12.17 -9.92
CA GLY D 216 44.20 -12.19 -8.79
C GLY D 216 44.43 -13.59 -8.25
N ALA D 217 43.36 -14.41 -8.23
CA ALA D 217 43.51 -15.80 -7.80
C ALA D 217 44.43 -16.57 -8.73
N ILE D 218 44.30 -16.34 -10.04
CA ILE D 218 45.20 -16.99 -11.00
C ILE D 218 46.63 -16.53 -10.77
N GLU D 219 46.82 -15.23 -10.56
CA GLU D 219 48.15 -14.71 -10.28
C GLU D 219 48.76 -15.34 -9.03
N LEU D 220 47.95 -15.55 -8.00
CA LEU D 220 48.44 -16.13 -6.75
C LEU D 220 48.76 -17.62 -6.89
N VAL D 221 47.77 -18.41 -7.29
CA VAL D 221 47.97 -19.86 -7.36
C VAL D 221 49.06 -20.22 -8.36
N GLN D 222 49.05 -19.61 -9.55
CA GLN D 222 50.07 -19.86 -10.54
C GLN D 222 51.38 -19.12 -10.23
N ASP D 223 51.31 -18.00 -9.51
CA ASP D 223 52.47 -17.21 -9.14
C ASP D 223 53.19 -16.62 -10.35
N ILE D 224 52.57 -16.65 -11.53
CA ILE D 224 53.18 -16.16 -12.76
C ILE D 224 52.10 -15.55 -13.64
N TRP D 225 52.46 -14.47 -14.32
CA TRP D 225 51.58 -13.80 -15.27
C TRP D 225 52.00 -14.15 -16.68
N ILE D 226 51.05 -14.61 -17.49
CA ILE D 226 51.34 -15.10 -18.83
C ILE D 226 50.61 -14.33 -19.93
N TYR D 227 49.80 -13.34 -19.58
CA TYR D 227 48.97 -12.65 -20.56
C TYR D 227 49.62 -11.38 -21.10
N GLY D 228 50.82 -11.03 -20.66
CA GLY D 228 51.52 -9.88 -21.17
C GLY D 228 51.28 -8.61 -20.38
N GLU D 229 52.15 -7.64 -20.60
CA GLU D 229 52.10 -6.38 -19.86
C GLU D 229 50.88 -5.54 -20.22
N VAL D 230 50.42 -5.62 -21.47
CA VAL D 230 49.22 -4.87 -21.85
C VAL D 230 48.03 -5.33 -21.04
N PHE D 231 47.85 -6.65 -20.90
CA PHE D 231 46.72 -7.12 -20.10
C PHE D 231 47.00 -6.98 -18.61
N CYS D 232 48.27 -6.94 -18.20
CA CYS D 232 48.59 -6.51 -16.84
C CYS D 232 48.02 -5.13 -16.56
N LEU D 233 48.28 -4.17 -17.46
CA LEU D 233 47.75 -2.82 -17.28
C LEU D 233 46.23 -2.82 -17.31
N VAL D 234 45.64 -3.60 -18.21
CA VAL D 234 44.18 -3.65 -18.32
C VAL D 234 43.58 -4.19 -17.03
N ARG D 235 44.17 -5.26 -16.49
CA ARG D 235 43.68 -5.83 -15.24
C ARG D 235 43.82 -4.85 -14.09
N THR D 236 44.95 -4.15 -14.00
CA THR D 236 45.11 -3.17 -12.92
C THR D 236 44.09 -2.06 -13.04
N SER D 237 43.86 -1.56 -14.26
CA SER D 237 42.86 -0.51 -14.47
C SER D 237 41.47 -0.99 -14.13
N LEU D 238 41.10 -2.22 -14.53
CA LEU D 238 39.79 -2.74 -14.18
C LEU D 238 39.64 -2.88 -12.67
N ASP D 239 40.68 -3.38 -12.00
CA ASP D 239 40.64 -3.51 -10.55
C ASP D 239 40.39 -2.16 -9.90
N VAL D 240 41.19 -1.15 -10.27
CA VAL D 240 41.05 0.16 -9.66
C VAL D 240 39.68 0.75 -9.96
N LEU D 241 39.23 0.64 -11.21
CA LEU D 241 37.95 1.21 -11.60
C LEU D 241 36.82 0.59 -10.79
N LEU D 242 36.75 -0.74 -10.75
CA LEU D 242 35.63 -1.39 -10.08
C LEU D 242 35.70 -1.20 -8.57
N THR D 243 36.90 -1.22 -8.00
CA THR D 243 37.04 -0.97 -6.57
C THR D 243 36.56 0.42 -6.19
N THR D 244 37.02 1.44 -6.92
CA THR D 244 36.58 2.80 -6.62
C THR D 244 35.09 2.97 -6.89
N ALA D 245 34.56 2.28 -7.90
CA ALA D 245 33.13 2.33 -8.16
C ALA D 245 32.33 1.76 -7.00
N SER D 246 32.79 0.62 -6.45
CA SER D 246 32.10 0.03 -5.31
C SER D 246 32.18 0.95 -4.09
N ILE D 247 33.36 1.52 -3.85
CA ILE D 247 33.51 2.42 -2.70
C ILE D 247 32.61 3.64 -2.86
N PHE D 248 32.57 4.21 -4.06
CA PHE D 248 31.71 5.35 -4.31
C PHE D 248 30.23 4.98 -4.19
N HIS D 249 29.86 3.76 -4.60
CA HIS D 249 28.49 3.31 -4.41
C HIS D 249 28.13 3.24 -2.93
N LEU D 250 29.04 2.71 -2.11
CA LEU D 250 28.79 2.69 -0.67
C LEU D 250 28.65 4.10 -0.12
N CYS D 251 29.54 5.01 -0.53
CA CYS D 251 29.48 6.39 -0.06
C CYS D 251 28.18 7.06 -0.46
N CYS D 252 27.74 6.83 -1.70
CA CYS D 252 26.51 7.44 -2.19
C CYS D 252 25.29 6.85 -1.49
N ILE D 253 25.32 5.55 -1.18
CA ILE D 253 24.23 4.95 -0.43
C ILE D 253 24.14 5.58 0.95
N SER D 254 25.29 5.74 1.62
CA SER D 254 25.29 6.37 2.93
C SER D 254 24.77 7.81 2.85
N LEU D 255 25.22 8.55 1.84
CA LEU D 255 24.78 9.94 1.69
C LEU D 255 23.30 10.02 1.38
N ASP D 256 22.76 9.11 0.56
CA ASP D 256 21.34 9.11 0.27
C ASP D 256 20.52 8.79 1.51
N ARG D 257 20.98 7.83 2.31
CA ARG D 257 20.29 7.51 3.55
C ARG D 257 20.30 8.70 4.49
N TYR D 258 21.45 9.37 4.63
CA TYR D 258 21.53 10.54 5.47
C TYR D 258 20.60 11.65 4.98
N TYR D 259 20.58 11.88 3.65
CA TYR D 259 19.67 12.87 3.10
C TYR D 259 18.24 12.54 3.46
N ALA D 260 17.81 11.31 3.18
CA ALA D 260 16.42 10.92 3.43
C ALA D 260 16.06 11.07 4.89
N ILE D 261 16.97 10.69 5.79
CA ILE D 261 16.65 10.71 7.21
C ILE D 261 16.67 12.14 7.75
N CYS D 262 17.81 12.81 7.67
CA CYS D 262 18.00 14.09 8.35
C CYS D 262 17.62 15.30 7.49
N CYS D 263 17.93 15.29 6.20
CA CYS D 263 17.85 16.51 5.40
C CYS D 263 16.43 16.77 4.88
N GLN D 264 15.91 15.85 4.07
CA GLN D 264 14.61 16.07 3.44
C GLN D 264 13.72 14.83 3.58
N PRO D 265 13.40 14.41 4.81
CA PRO D 265 12.51 13.24 4.95
C PRO D 265 11.13 13.45 4.35
N LEU D 266 10.58 14.67 4.44
CA LEU D 266 9.21 14.93 4.02
C LEU D 266 9.09 15.12 2.51
N VAL D 267 10.18 15.39 1.79
CA VAL D 267 10.12 15.57 0.35
C VAL D 267 11.18 14.71 -0.31
N TYR D 268 11.61 13.65 0.38
CA TYR D 268 12.64 12.77 -0.17
C TYR D 268 12.19 12.14 -1.49
N ARG D 269 10.94 11.71 -1.55
CA ARG D 269 10.45 11.02 -2.74
C ARG D 269 10.51 11.92 -3.96
N ASN D 270 10.13 13.19 -3.82
CA ASN D 270 10.14 14.12 -4.94
C ASN D 270 11.56 14.53 -5.33
N LYS D 271 12.43 14.76 -4.34
CA LYS D 271 13.79 15.19 -4.64
C LYS D 271 14.58 14.10 -5.35
N MET D 272 14.27 12.83 -5.09
CA MET D 272 14.96 11.71 -5.72
C MET D 272 14.41 11.49 -7.14
N THR D 273 14.57 12.52 -7.97
CA THR D 273 14.14 12.42 -9.36
C THR D 273 15.10 11.50 -10.12
N PRO D 274 14.67 10.99 -11.28
CA PRO D 274 15.57 10.17 -12.09
C PRO D 274 16.87 10.88 -12.44
N LEU D 275 16.82 12.20 -12.60
CA LEU D 275 18.04 12.96 -12.91
C LEU D 275 19.06 12.82 -11.79
N ARG D 276 18.62 12.94 -10.54
CA ARG D 276 19.55 12.83 -9.41
C ARG D 276 20.16 11.44 -9.33
N ILE D 277 19.34 10.40 -9.49
CA ILE D 277 19.84 9.03 -9.43
C ILE D 277 20.84 8.80 -10.54
N ALA D 278 20.52 9.24 -11.76
CA ALA D 278 21.43 9.07 -12.88
C ALA D 278 22.74 9.82 -12.65
N LEU D 279 22.66 11.05 -12.13
CA LEU D 279 23.88 11.81 -11.88
C LEU D 279 24.75 11.14 -10.83
N MET D 280 24.14 10.65 -9.75
CA MET D 280 24.93 9.99 -8.71
C MET D 280 25.58 8.72 -9.23
N LEU D 281 24.83 7.91 -10.00
CA LEU D 281 25.40 6.68 -10.53
C LEU D 281 26.49 6.99 -11.55
N GLY D 282 26.32 8.05 -12.34
CA GLY D 282 27.33 8.47 -13.27
C GLY D 282 28.59 8.91 -12.56
N GLY D 283 28.44 9.63 -11.45
CA GLY D 283 29.59 9.98 -10.64
C GLY D 283 30.30 8.77 -10.08
N CYS D 284 29.53 7.78 -9.62
CA CYS D 284 30.11 6.56 -9.08
C CYS D 284 30.85 5.74 -10.14
N TRP D 285 30.34 5.69 -11.37
CA TRP D 285 30.89 4.83 -12.41
C TRP D 285 31.94 5.51 -13.29
N VAL D 286 31.87 6.82 -13.47
CA VAL D 286 32.75 7.49 -14.41
C VAL D 286 33.97 8.08 -13.70
N ILE D 287 33.76 8.66 -12.51
CA ILE D 287 34.88 9.25 -11.76
C ILE D 287 35.99 8.24 -11.56
N PRO D 288 35.72 6.96 -11.26
CA PRO D 288 36.81 5.98 -11.19
C PRO D 288 37.61 5.89 -12.48
N THR D 289 37.01 6.16 -13.64
CA THR D 289 37.74 6.07 -14.89
C THR D 289 38.91 7.05 -14.92
N PHE D 290 38.71 8.26 -14.42
CA PHE D 290 39.75 9.29 -14.46
C PHE D 290 40.96 8.94 -13.60
N ILE D 291 40.81 8.02 -12.65
CA ILE D 291 41.92 7.61 -11.78
C ILE D 291 42.39 6.20 -12.06
N SER D 292 41.57 5.35 -12.68
CA SER D 292 41.93 3.96 -12.90
C SER D 292 42.51 3.83 -14.29
N PHE D 293 41.79 4.16 -15.36
CA PHE D 293 42.28 3.89 -16.70
C PHE D 293 43.18 5.02 -17.19
N LEU D 294 42.74 6.27 -17.04
CA LEU D 294 43.50 7.39 -17.60
C LEU D 294 44.93 7.43 -17.09
N PRO D 295 45.21 7.30 -15.79
CA PRO D 295 46.61 7.33 -15.35
C PRO D 295 47.37 6.05 -15.65
N ILE D 296 46.74 4.88 -15.49
CA ILE D 296 47.47 3.63 -15.63
C ILE D 296 47.85 3.38 -17.08
N MET D 297 46.92 3.62 -18.01
CA MET D 297 47.23 3.39 -19.42
C MET D 297 48.36 4.29 -19.89
N GLN D 298 48.35 5.56 -19.47
CA GLN D 298 49.42 6.49 -19.82
C GLN D 298 50.67 6.29 -18.97
N GLY D 299 50.62 5.45 -17.94
CA GLY D 299 51.79 5.18 -17.12
C GLY D 299 52.18 6.27 -16.16
N TRP D 300 51.27 7.21 -15.87
CA TRP D 300 51.60 8.30 -14.97
C TRP D 300 51.93 7.82 -13.57
N ASN D 301 51.41 6.65 -13.16
CA ASN D 301 51.69 6.15 -11.82
C ASN D 301 53.12 5.65 -11.68
N ASN D 302 53.75 5.25 -12.80
CA ASN D 302 55.09 4.67 -12.75
C ASN D 302 56.20 5.69 -12.93
N ILE D 303 55.92 6.86 -13.50
CA ILE D 303 56.96 7.83 -13.76
C ILE D 303 57.57 8.30 -12.46
N GLY D 304 58.90 8.37 -12.41
CA GLY D 304 59.63 8.74 -11.22
C GLY D 304 60.02 7.58 -10.33
N ILE D 305 59.46 6.40 -10.54
CA ILE D 305 59.81 5.22 -9.75
C ILE D 305 60.09 4.06 -10.70
N ILE D 306 60.35 4.36 -11.97
CA ILE D 306 60.53 3.32 -12.97
C ILE D 306 61.66 2.38 -12.58
N ASP D 307 62.77 2.93 -12.07
CA ASP D 307 63.90 2.10 -11.70
C ASP D 307 63.53 1.11 -10.60
N LEU D 308 62.76 1.55 -9.61
CA LEU D 308 62.33 0.64 -8.56
C LEU D 308 61.41 -0.46 -9.10
N ILE D 309 60.57 -0.13 -10.08
CA ILE D 309 59.65 -1.11 -10.63
C ILE D 309 60.43 -2.27 -11.27
N GLU D 310 61.51 -1.94 -11.97
CA GLU D 310 62.32 -2.99 -12.60
C GLU D 310 62.87 -3.96 -11.57
N LYS D 311 63.36 -3.45 -10.43
CA LYS D 311 63.85 -4.33 -9.37
C LYS D 311 62.72 -5.20 -8.83
N ARG D 312 61.55 -4.59 -8.60
CA ARG D 312 60.41 -5.33 -8.06
C ARG D 312 59.71 -6.17 -9.12
N LYS D 313 59.98 -5.94 -10.41
CA LYS D 313 59.26 -6.64 -11.46
C LYS D 313 59.54 -8.13 -11.46
N PHE D 314 60.76 -8.55 -11.15
CA PHE D 314 61.15 -9.95 -11.24
C PHE D 314 61.84 -10.40 -9.96
N ASN D 315 61.54 -11.63 -9.56
CA ASN D 315 62.35 -12.35 -8.59
C ASN D 315 63.41 -13.16 -9.36
N GLN D 316 64.40 -12.42 -9.86
CA GLN D 316 65.29 -12.94 -10.89
C GLN D 316 66.10 -14.15 -10.45
N ASN D 317 65.99 -14.59 -9.20
CA ASN D 317 66.59 -15.87 -8.82
C ASN D 317 65.99 -17.02 -9.60
N SER D 318 64.78 -16.84 -10.13
CA SER D 318 64.15 -17.82 -11.01
C SER D 318 63.58 -17.08 -12.22
N ASN D 319 63.13 -17.85 -13.20
CA ASN D 319 62.59 -17.30 -14.44
C ASN D 319 61.13 -16.86 -14.31
N SER D 320 60.61 -16.75 -13.09
CA SER D 320 59.22 -16.36 -12.91
C SER D 320 59.02 -14.87 -13.20
N THR D 321 57.88 -14.57 -13.81
CA THR D 321 57.47 -13.19 -14.09
C THR D 321 56.01 -13.03 -13.68
N TYR D 322 55.66 -11.86 -13.16
CA TYR D 322 54.31 -11.64 -12.66
C TYR D 322 53.94 -10.17 -12.82
N CYS D 323 52.63 -9.94 -12.98
CA CYS D 323 52.10 -8.61 -13.19
C CYS D 323 52.22 -7.79 -11.91
N VAL D 324 52.60 -6.53 -12.05
CA VAL D 324 52.90 -5.67 -10.91
C VAL D 324 52.09 -4.39 -11.00
N PHE D 325 51.85 -3.78 -9.84
CA PHE D 325 51.19 -2.48 -9.73
C PHE D 325 51.88 -1.68 -8.64
N MET D 326 52.60 -0.64 -9.04
CA MET D 326 53.29 0.24 -8.10
C MET D 326 52.89 1.67 -8.38
N VAL D 327 52.86 2.49 -7.32
CA VAL D 327 52.35 3.85 -7.37
C VAL D 327 53.38 4.79 -6.76
N ASN D 328 53.61 5.92 -7.42
CA ASN D 328 54.48 6.95 -6.86
C ASN D 328 53.74 7.76 -5.81
N LYS D 329 54.48 8.62 -5.12
CA LYS D 329 53.91 9.43 -4.05
C LYS D 329 52.73 10.27 -4.51
N PRO D 330 52.81 11.06 -5.58
CA PRO D 330 51.65 11.88 -5.97
C PRO D 330 50.44 11.06 -6.36
N TYR D 331 50.61 10.08 -7.25
CA TYR D 331 49.50 9.22 -7.64
C TYR D 331 48.94 8.50 -6.42
N ALA D 332 49.81 7.92 -5.60
CA ALA D 332 49.32 7.19 -4.43
C ALA D 332 48.47 8.09 -3.54
N ILE D 333 48.99 9.26 -3.17
CA ILE D 333 48.26 10.13 -2.25
C ILE D 333 46.95 10.58 -2.88
N THR D 334 47.01 11.06 -4.13
CA THR D 334 45.81 11.62 -4.75
C THR D 334 44.73 10.55 -4.92
N CYS D 335 45.09 9.38 -5.44
CA CYS D 335 44.13 8.31 -5.63
C CYS D 335 43.58 7.78 -4.32
N SER D 336 44.42 7.63 -3.29
CA SER D 336 43.90 7.19 -2.00
C SER D 336 42.91 8.19 -1.44
N VAL D 337 43.23 9.48 -1.53
CA VAL D 337 42.32 10.52 -1.02
C VAL D 337 41.00 10.48 -1.79
N VAL D 338 41.08 10.34 -3.11
CA VAL D 338 39.87 10.38 -3.93
C VAL D 338 39.01 9.14 -3.69
N ALA D 339 39.64 7.97 -3.52
CA ALA D 339 38.90 6.72 -3.53
C ALA D 339 38.45 6.28 -2.14
N PHE D 340 39.25 6.49 -1.11
CA PHE D 340 38.91 5.94 0.20
C PHE D 340 38.71 7.02 1.27
N TYR D 341 39.68 7.94 1.40
CA TYR D 341 39.67 8.84 2.54
C TYR D 341 38.51 9.82 2.47
N ILE D 342 38.29 10.44 1.32
CA ILE D 342 37.17 11.40 1.16
C ILE D 342 35.86 10.64 1.31
N PRO D 343 35.65 9.54 0.59
CA PRO D 343 34.43 8.74 0.82
C PRO D 343 34.31 8.24 2.25
N PHE D 344 35.42 7.87 2.88
CA PHE D 344 35.36 7.39 4.26
C PHE D 344 34.89 8.50 5.19
N LEU D 345 35.41 9.71 5.01
CA LEU D 345 35.00 10.84 5.85
C LEU D 345 33.53 11.16 5.62
N LEU D 346 33.10 11.15 4.35
CA LEU D 346 31.69 11.44 4.06
C LEU D 346 30.78 10.40 4.70
N MET D 347 31.14 9.12 4.59
CA MET D 347 30.34 8.07 5.21
C MET D 347 30.32 8.22 6.72
N VAL D 348 31.47 8.54 7.32
CA VAL D 348 31.54 8.70 8.77
C VAL D 348 30.62 9.81 9.23
N LEU D 349 30.67 10.96 8.55
CA LEU D 349 29.82 12.08 8.93
C LEU D 349 28.35 11.74 8.75
N ALA D 350 27.99 11.17 7.61
CA ALA D 350 26.59 10.84 7.34
C ALA D 350 26.06 9.86 8.37
N TYR D 351 26.84 8.81 8.67
CA TYR D 351 26.39 7.80 9.62
C TYR D 351 26.40 8.31 11.05
N TYR D 352 27.29 9.25 11.40
CA TYR D 352 27.24 9.84 12.72
C TYR D 352 25.98 10.68 12.89
N ARG D 353 25.62 11.45 11.87
CA ARG D 353 24.37 12.22 11.95
C ARG D 353 23.16 11.31 12.01
N ILE D 354 23.18 10.23 11.21
CA ILE D 354 22.10 9.24 11.27
C ILE D 354 22.03 8.63 12.67
N TYR D 355 23.19 8.36 13.28
CA TYR D 355 23.22 7.80 14.61
C TYR D 355 22.63 8.77 15.63
N VAL D 356 22.94 10.06 15.50
CA VAL D 356 22.38 11.04 16.42
C VAL D 356 20.86 11.08 16.29
N THR D 357 20.36 11.10 15.05
CA THR D 357 18.92 11.11 14.83
C THR D 357 18.26 9.86 15.41
N ALA D 358 18.86 8.69 15.17
CA ALA D 358 18.30 7.45 15.69
C ALA D 358 18.34 7.44 17.21
N LYS D 359 19.42 7.98 17.80
CA LYS D 359 19.52 8.01 19.26
C LYS D 359 18.44 8.88 19.87
N GLU D 360 18.21 10.07 19.30
CA GLU D 360 17.16 10.93 19.84
C GLU D 360 15.79 10.29 19.67
N HIS D 361 15.54 9.68 18.51
CA HIS D 361 14.25 9.01 18.30
C HIS D 361 14.06 7.87 19.28
N ALA D 362 15.11 7.07 19.51
CA ALA D 362 15.00 5.96 20.44
C ALA D 362 14.85 6.45 21.88
N HIS D 363 15.47 7.56 22.23
CA HIS D 363 15.28 8.13 23.56
C HIS D 363 13.83 8.55 23.76
N GLN D 364 13.24 9.21 22.74
CA GLN D 364 11.84 9.58 22.83
C GLN D 364 10.95 8.34 22.95
N ILE D 365 11.25 7.30 22.15
CA ILE D 365 10.46 6.08 22.21
C ILE D 365 10.56 5.44 23.58
N GLN D 366 11.76 5.40 24.15
CA GLN D 366 11.94 4.82 25.47
C GLN D 366 11.19 5.61 26.54
N MET D 367 11.22 6.94 26.44
CA MET D 367 10.47 7.76 27.39
C MET D 367 8.98 7.46 27.30
N LEU D 368 8.45 7.38 26.08
CA LEU D 368 7.03 7.08 25.91
C LEU D 368 6.69 5.69 26.43
N GLN D 369 7.57 4.71 26.18
CA GLN D 369 7.33 3.36 26.68
C GLN D 369 7.35 3.32 28.20
N ARG D 370 8.28 4.03 28.83
CA ARG D 370 8.29 4.10 30.29
C ARG D 370 7.02 4.74 30.80
N ALA D 371 6.56 5.81 30.14
CA ALA D 371 5.31 6.44 30.55
C ALA D 371 4.13 5.48 30.43
N GLY D 372 4.07 4.70 29.36
CA GLY D 372 3.01 3.75 29.15
C GLY D 372 3.17 2.41 29.84
N ALA D 373 4.27 2.22 30.58
CA ALA D 373 4.49 0.96 31.27
C ALA D 373 3.35 0.67 32.24
N SER D 374 2.93 -0.60 32.28
CA SER D 374 1.83 -1.04 33.12
C SER D 374 2.28 -1.55 34.48
N SER D 375 3.57 -1.50 34.78
CA SER D 375 4.08 -1.98 36.06
C SER D 375 3.48 -1.18 37.22
N GLU D 393 17.93 1.59 21.84
CA GLU D 393 18.66 2.81 21.52
C GLU D 393 20.03 2.48 20.95
N THR D 394 20.55 1.30 21.30
CA THR D 394 21.85 0.86 20.82
C THR D 394 21.76 0.03 19.54
N LYS D 395 20.55 -0.22 19.02
CA LYS D 395 20.43 -0.99 17.79
C LYS D 395 21.06 -0.25 16.61
N ALA D 396 20.82 1.06 16.51
CA ALA D 396 21.45 1.84 15.46
C ALA D 396 22.96 1.84 15.62
N ALA D 397 23.43 1.95 16.86
CA ALA D 397 24.86 1.89 17.12
C ALA D 397 25.43 0.56 16.61
N LYS D 398 24.76 -0.54 16.93
CA LYS D 398 25.25 -1.85 16.50
C LYS D 398 25.28 -1.96 14.98
N THR D 399 24.20 -1.52 14.32
CA THR D 399 24.13 -1.63 12.87
C THR D 399 25.22 -0.81 12.20
N LEU D 400 25.36 0.46 12.60
CA LEU D 400 26.38 1.31 12.01
C LEU D 400 27.78 0.83 12.33
N CYS D 401 28.01 0.32 13.55
CA CYS D 401 29.30 -0.26 13.89
C CYS D 401 29.61 -1.45 12.98
N ILE D 402 28.64 -2.32 12.76
CA ILE D 402 28.87 -3.47 11.88
C ILE D 402 29.26 -2.98 10.48
N ILE D 403 28.47 -2.07 9.92
CA ILE D 403 28.71 -1.62 8.55
C ILE D 403 30.09 -0.97 8.43
N MET D 404 30.37 -0.01 9.32
CA MET D 404 31.61 0.74 9.20
C MET D 404 32.82 -0.11 9.57
N GLY D 405 32.67 -1.04 10.52
CA GLY D 405 33.78 -1.93 10.83
C GLY D 405 34.10 -2.86 9.68
N CYS D 406 33.08 -3.38 9.01
CA CYS D 406 33.33 -4.18 7.81
C CYS D 406 34.05 -3.35 6.76
N PHE D 407 33.55 -2.14 6.49
CA PHE D 407 34.19 -1.30 5.47
C PHE D 407 35.65 -1.01 5.83
N CYS D 408 35.91 -0.65 7.10
CA CYS D 408 37.26 -0.33 7.53
C CYS D 408 38.16 -1.55 7.44
N LEU D 409 37.76 -2.67 8.04
CA LEU D 409 38.59 -3.87 7.99
C LEU D 409 38.89 -4.26 6.55
N CYS D 410 37.95 -3.98 5.63
CA CYS D 410 38.18 -4.33 4.23
C CYS D 410 39.20 -3.40 3.58
N TRP D 411 39.06 -2.09 3.79
CA TRP D 411 39.75 -1.14 2.94
C TRP D 411 40.82 -0.31 3.63
N ALA D 412 40.60 0.08 4.89
CA ALA D 412 41.51 1.00 5.57
C ALA D 412 42.93 0.46 5.62
N PRO D 413 43.14 -0.83 5.92
CA PRO D 413 44.53 -1.34 5.89
C PRO D 413 45.21 -1.15 4.54
N PHE D 414 44.50 -1.46 3.45
CA PHE D 414 45.09 -1.35 2.12
C PHE D 414 45.45 0.09 1.81
N PHE D 415 44.53 1.02 2.10
CA PHE D 415 44.75 2.42 1.75
C PHE D 415 45.69 3.13 2.72
N VAL D 416 45.92 2.56 3.90
CA VAL D 416 46.96 3.08 4.78
C VAL D 416 48.33 2.58 4.34
N THR D 417 48.40 1.32 3.93
CA THR D 417 49.64 0.81 3.34
C THR D 417 50.00 1.61 2.09
N ASN D 418 49.01 1.89 1.24
CA ASN D 418 49.28 2.64 0.02
C ASN D 418 49.82 4.03 0.32
N ILE D 419 49.35 4.66 1.39
CA ILE D 419 49.90 5.96 1.78
C ILE D 419 51.32 5.80 2.32
N VAL D 420 51.55 4.80 3.16
CA VAL D 420 52.86 4.66 3.78
C VAL D 420 53.84 3.89 2.89
N ASP D 421 53.34 3.07 1.97
CA ASP D 421 54.25 2.25 1.16
C ASP D 421 55.25 3.09 0.38
N PRO D 422 54.86 4.15 -0.34
CA PRO D 422 55.85 4.94 -1.09
C PRO D 422 56.86 5.64 -0.21
N PHE D 423 56.52 5.95 1.05
CA PHE D 423 57.36 6.76 1.90
C PHE D 423 58.40 5.96 2.67
N ILE D 424 58.41 4.64 2.55
CA ILE D 424 59.39 3.80 3.22
C ILE D 424 60.19 3.01 2.19
N ASP D 425 60.38 3.60 1.01
CA ASP D 425 61.21 3.01 -0.03
C ASP D 425 60.63 1.67 -0.50
N TYR D 426 59.30 1.54 -0.47
CA TYR D 426 58.61 0.35 -0.96
C TYR D 426 59.15 -0.93 -0.33
N THR D 427 59.30 -0.93 0.99
CA THR D 427 59.83 -2.08 1.71
C THR D 427 58.75 -3.01 2.25
N VAL D 428 57.47 -2.71 2.01
CA VAL D 428 56.41 -3.58 2.55
C VAL D 428 56.49 -4.95 1.89
N PRO D 429 56.46 -6.04 2.66
CA PRO D 429 56.53 -7.37 2.02
C PRO D 429 55.31 -7.65 1.18
N GLY D 430 55.49 -8.48 0.15
CA GLY D 430 54.40 -8.82 -0.74
C GLY D 430 53.25 -9.55 -0.07
N GLN D 431 53.55 -10.33 0.97
CA GLN D 431 52.49 -11.08 1.65
C GLN D 431 51.46 -10.13 2.27
N VAL D 432 51.93 -9.07 2.92
CA VAL D 432 51.02 -8.11 3.53
C VAL D 432 50.19 -7.42 2.46
N TRP D 433 50.83 -7.05 1.35
CA TRP D 433 50.10 -6.41 0.26
C TRP D 433 49.01 -7.33 -0.28
N THR D 434 49.32 -8.61 -0.50
CA THR D 434 48.31 -9.54 -0.98
C THR D 434 47.19 -9.70 0.03
N ALA D 435 47.54 -9.82 1.31
CA ALA D 435 46.51 -9.99 2.34
C ALA D 435 45.56 -8.80 2.36
N PHE D 436 46.10 -7.58 2.30
CA PHE D 436 45.25 -6.40 2.31
C PHE D 436 44.46 -6.28 1.01
N LEU D 437 45.04 -6.66 -0.12
CA LEU D 437 44.32 -6.63 -1.39
C LEU D 437 43.11 -7.54 -1.34
N TRP D 438 43.28 -8.76 -0.81
CA TRP D 438 42.17 -9.69 -0.75
C TRP D 438 41.19 -9.33 0.37
N LEU D 439 41.66 -8.60 1.40
CA LEU D 439 40.74 -8.02 2.36
C LEU D 439 39.84 -7.00 1.67
N GLY D 440 40.41 -6.20 0.78
CA GLY D 440 39.63 -5.27 -0.02
C GLY D 440 38.64 -5.99 -0.91
N TYR D 441 39.08 -7.08 -1.53
CA TYR D 441 38.19 -7.86 -2.39
C TYR D 441 37.02 -8.41 -1.60
N ILE D 442 37.27 -8.86 -0.36
CA ILE D 442 36.20 -9.45 0.45
C ILE D 442 35.06 -8.47 0.65
N ASN D 443 35.33 -7.17 0.51
CA ASN D 443 34.27 -6.18 0.68
C ASN D 443 33.11 -6.44 -0.28
N SER D 444 33.44 -6.78 -1.54
CA SER D 444 32.39 -7.06 -2.52
C SER D 444 31.54 -8.26 -2.13
N GLY D 445 32.11 -9.23 -1.42
CA GLY D 445 31.35 -10.37 -0.95
C GLY D 445 30.50 -10.04 0.26
N LEU D 446 30.97 -9.11 1.09
CA LEU D 446 30.23 -8.72 2.28
C LEU D 446 29.12 -7.73 1.96
N ASN D 447 29.28 -6.90 0.93
CA ASN D 447 28.28 -5.89 0.61
C ASN D 447 26.89 -6.47 0.41
N PRO D 448 26.70 -7.56 -0.34
CA PRO D 448 25.35 -8.14 -0.45
C PRO D 448 24.75 -8.52 0.89
N PHE D 449 25.58 -8.97 1.83
CA PHE D 449 25.10 -9.40 3.14
C PHE D 449 25.09 -8.28 4.18
N LEU D 450 25.38 -7.03 3.79
CA LEU D 450 25.35 -5.91 4.72
C LEU D 450 24.23 -4.93 4.40
N TYR D 451 24.12 -4.48 3.15
CA TYR D 451 23.11 -3.48 2.80
C TYR D 451 21.76 -4.09 2.44
N ALA D 452 21.74 -5.39 2.09
CA ALA D 452 20.48 -6.07 1.84
C ALA D 452 19.99 -6.85 3.05
N PHE D 453 20.91 -7.50 3.77
CA PHE D 453 20.53 -8.23 4.98
C PHE D 453 20.01 -7.27 6.05
N LEU D 454 20.62 -6.10 6.18
CA LEU D 454 20.22 -5.14 7.20
C LEU D 454 19.14 -4.20 6.68
N ASN D 455 18.38 -4.64 5.69
CA ASN D 455 17.25 -3.89 5.16
C ASN D 455 16.01 -4.75 5.22
N LYS D 456 14.92 -4.19 5.78
CA LYS D 456 13.70 -4.97 5.97
C LYS D 456 13.14 -5.43 4.64
N SER D 457 13.09 -4.54 3.65
CA SER D 457 12.50 -4.89 2.35
C SER D 457 13.31 -5.97 1.66
N PHE D 458 14.64 -5.87 1.70
CA PHE D 458 15.47 -6.89 1.07
C PHE D 458 15.32 -8.24 1.77
N ARG D 459 15.21 -8.24 3.10
CA ARG D 459 15.00 -9.50 3.81
C ARG D 459 13.65 -10.11 3.43
N ARG D 460 12.61 -9.28 3.32
CA ARG D 460 11.30 -9.77 2.90
C ARG D 460 11.38 -10.38 1.51
N ALA D 461 12.07 -9.70 0.58
CA ALA D 461 12.22 -10.23 -0.76
C ALA D 461 12.99 -11.53 -0.78
N PHE D 462 14.06 -11.62 0.02
CA PHE D 462 14.84 -12.85 0.08
C PHE D 462 14.02 -13.99 0.63
N LEU D 463 13.21 -13.73 1.66
CA LEU D 463 12.33 -14.76 2.19
C LEU D 463 11.33 -15.21 1.14
N ILE D 464 10.77 -14.26 0.38
CA ILE D 464 9.81 -14.61 -0.66
C ILE D 464 10.47 -15.50 -1.71
N ILE D 465 11.69 -15.15 -2.12
CA ILE D 465 12.41 -15.98 -3.10
C ILE D 465 12.66 -17.37 -2.52
N LEU D 466 13.11 -17.45 -1.27
CA LEU D 466 13.36 -18.74 -0.65
C LEU D 466 12.10 -19.59 -0.56
N CYS D 467 10.93 -18.97 -0.37
CA CYS D 467 9.69 -19.73 -0.41
C CYS D 467 9.45 -20.40 -1.76
N CYS D 468 10.00 -19.83 -2.83
CA CYS D 468 9.86 -20.41 -4.16
C CYS D 468 8.41 -20.60 -4.54
C1 CLR E . 26.72 1.63 -15.31
C2 CLR E . 28.05 1.66 -16.09
C3 CLR E . 28.59 0.24 -16.30
C4 CLR E . 27.56 -0.55 -17.08
C5 CLR E . 26.20 -0.53 -16.42
C6 CLR E . 25.42 -1.57 -16.61
C7 CLR E . 24.20 -1.80 -15.76
C8 CLR E . 23.49 -0.51 -15.40
C9 CLR E . 24.53 0.51 -14.86
C10 CLR E . 25.62 0.79 -15.94
C11 CLR E . 23.83 1.76 -14.42
C12 CLR E . 22.75 1.55 -13.43
C13 CLR E . 21.71 0.51 -13.93
C14 CLR E . 22.51 -0.76 -14.28
C15 CLR E . 21.45 -1.82 -14.55
C16 CLR E . 20.35 -1.40 -13.46
C17 CLR E . 20.78 -0.03 -12.91
C18 CLR E . 20.94 1.09 -15.12
C19 CLR E . 25.08 1.54 -17.16
C20 CLR E . 19.51 0.84 -12.63
C21 CLR E . 19.91 2.19 -12.03
C22 CLR E . 18.61 0.10 -11.64
C23 CLR E . 17.33 -0.38 -12.34
C24 CLR E . 16.89 -1.73 -11.80
C25 CLR E . 16.17 -2.48 -12.91
C26 CLR E . 15.64 -3.80 -12.35
C27 CLR E . 15.01 -1.64 -13.44
O1 CLR E . 29.78 0.30 -17.03
H11 CLR E . 26.93 1.25 -14.31
H12 CLR E . 26.37 2.66 -15.22
H21 CLR E . 27.89 2.13 -17.05
H22 CLR E . 28.79 2.24 -15.52
H3 CLR E . 28.76 -0.22 -15.34
H41 CLR E . 27.46 -0.13 -18.08
H42 CLR E . 27.89 -1.58 -17.15
H6 CLR E . 25.69 -2.30 -17.36
H71 CLR E . 23.51 -2.43 -16.31
H72 CLR E . 24.49 -2.30 -14.85
H8 CLR E . 22.99 -0.13 -16.28
H9 CLR E . 25.02 0.07 -14.00
H111 CLR E . 24.58 2.41 -13.96
H112 CLR E . 23.42 2.25 -15.27
H121 CLR E . 23.18 1.20 -12.49
H122 CLR E . 22.26 2.50 -13.27
H14 CLR E . 23.07 -1.05 -13.39
H151 CLR E . 21.83 -2.82 -14.35
H152 CLR E . 21.05 -1.75 -15.56
H161 CLR E . 19.38 -1.33 -13.94
H162 CLR E . 20.32 -2.14 -12.66
H17 CLR E . 21.32 -0.17 -11.98
H181 CLR E . 20.18 0.37 -15.46
H182 CLR E . 20.45 2.00 -14.83
H183 CLR E . 21.60 1.32 -15.95
H191 CLR E . 24.85 2.55 -16.88
H192 CLR E . 24.19 1.04 -17.54
H193 CLR E . 25.85 1.54 -17.93
H20 CLR E . 18.96 1.02 -13.53
H211 CLR E . 20.18 2.87 -12.83
H212 CLR E . 19.09 2.61 -11.48
H213 CLR E . 20.76 2.05 -11.36
H221 CLR E . 19.15 -0.75 -11.23
H222 CLR E . 18.33 0.76 -10.83
H231 CLR E . 16.55 0.35 -12.16
H232 CLR E . 17.49 -0.46 -13.40
H241 CLR E . 17.74 -2.30 -11.48
H242 CLR E . 16.21 -1.58 -10.96
H25 CLR E . 16.86 -2.69 -13.72
H261 CLR E . 16.48 -4.42 -12.05
H262 CLR E . 15.07 -4.32 -13.12
H263 CLR E . 15.01 -3.61 -11.50
H271 CLR E . 15.37 -0.93 -14.17
H272 CLR E . 14.28 -2.29 -13.90
H273 CLR E . 14.54 -1.11 -12.62
H1 CLR E . 29.67 0.85 -17.79
C1 CLR F . 33.68 11.82 15.03
C2 CLR F . 32.29 12.40 15.39
C3 CLR F . 32.04 12.39 16.91
C4 CLR F . 32.09 10.97 17.45
C5 CLR F . 32.88 10.04 16.57
C6 CLR F . 32.37 8.89 16.25
C7 CLR F . 33.23 7.71 15.89
C8 CLR F . 34.64 8.11 15.51
C9 CLR F . 34.61 9.50 14.81
C10 CLR F . 34.09 10.58 15.82
C11 CLR F . 35.93 9.84 14.25
C12 CLR F . 36.53 8.82 13.36
C13 CLR F . 36.63 7.46 14.08
C14 CLR F . 35.20 7.12 14.52
C15 CLR F . 35.29 5.66 15.02
C16 CLR F . 36.36 5.08 13.98
C17 CLR F . 36.95 6.29 13.22
C18 CLR F . 37.61 7.53 15.26
C19 CLR F . 35.16 10.97 16.83
C20 CLR F . 38.46 6.04 12.93
C21 CLR F . 39.07 7.24 12.22
C22 CLR F . 38.55 4.77 12.06
C23 CLR F . 39.95 4.47 11.53
C24 CLR F . 40.03 4.87 10.07
C25 CLR F . 41.42 4.63 9.51
C26 CLR F . 41.42 4.95 8.02
C27 CLR F . 42.43 5.54 10.21
O1 CLR F . 33.02 13.17 17.54
H11 CLR F . 34.41 12.61 15.20
H12 CLR F . 33.67 11.58 13.97
H21 CLR F . 32.23 13.42 15.03
H22 CLR F . 31.53 11.79 14.91
H3 CLR F . 31.06 12.81 17.11
H41 CLR F . 31.08 10.60 17.53
H42 CLR F . 32.55 10.99 18.43
H6 CLR F . 31.28 8.80 16.17
H71 CLR F . 33.27 7.05 16.74
H72 CLR F . 32.79 7.20 15.05
H8 CLR F . 35.24 8.14 16.41
H9 CLR F . 33.90 9.43 14.00
H111 CLR F . 35.82 10.76 13.68
H112 CLR F . 36.64 10.03 15.04
H121 CLR F . 35.90 8.72 12.48
H122 CLR F . 37.49 9.17 13.06
H14 CLR F . 34.57 7.13 13.63
H151 CLR F . 35.66 5.62 16.04
H152 CLR F . 34.33 5.15 14.92
H161 CLR F . 35.87 4.41 13.28
H162 CLR F . 37.14 4.56 14.51
H17 CLR F . 36.43 6.40 12.27
H181 CLR F . 38.58 7.86 14.92
H182 CLR F . 37.72 6.55 15.71
H183 CLR F . 37.25 8.22 16.01
H191 CLR F . 35.90 11.61 16.38
H192 CLR F . 35.65 10.07 17.21
H193 CLR F . 34.70 11.49 17.67
H20 CLR F . 38.99 5.86 13.85
H211 CLR F . 40.02 7.01 11.77
H212 CLR F . 38.38 7.59 11.45
H213 CLR F . 39.23 8.03 12.94
H221 CLR F . 38.23 3.91 12.65
H222 CLR F . 37.87 4.87 11.22
H231 CLR F . 40.15 3.41 11.62
H232 CLR F . 40.69 5.03 12.11
H241 CLR F . 39.32 4.27 9.50
H242 CLR F . 39.76 5.92 9.94
H25 CLR F . 41.70 3.60 9.66
H261 CLR F . 41.29 6.02 7.87
H262 CLR F . 42.37 4.65 7.59
H263 CLR F . 40.62 4.41 7.53
H271 CLR F . 41.92 6.37 10.68
H272 CLR F . 43.14 5.91 9.49
H273 CLR F . 42.96 4.97 10.97
H1 CLR F . 33.44 13.72 16.90
C1 CLR G . 54.49 -4.49 7.75
C2 CLR G . 56.01 -4.74 7.69
C3 CLR G . 56.72 -3.72 6.80
C4 CLR G . 56.41 -2.31 7.29
C5 CLR G . 54.93 -2.07 7.49
C6 CLR G . 54.44 -0.90 7.14
C7 CLR G . 52.97 -0.62 7.14
C8 CLR G . 52.24 -1.38 8.21
C9 CLR G . 52.58 -2.88 8.01
C10 CLR G . 54.11 -3.10 8.26
C11 CLR G . 51.74 -3.77 8.87
C12 CLR G . 50.29 -3.50 8.82
C13 CLR G . 49.98 -2.02 9.13
C14 CLR G . 50.75 -1.21 8.08
C15 CLR G . 50.24 0.24 8.27
C16 CLR G . 48.70 -0.06 8.63
C17 CLR G . 48.57 -1.57 8.88
C18 CLR G . 50.40 -1.68 10.57
C19 CLR G . 54.48 -3.02 9.73
C20 CLR G . 47.59 -1.85 10.06
C21 CLR G . 47.43 -3.35 10.28
C22 CLR G . 46.20 -1.29 9.77
C23 CLR G . 45.56 -0.94 11.11
C24 CLR G . 44.05 -0.82 11.00
C25 CLR G . 43.63 0.32 10.08
C26 CLR G . 42.11 0.42 10.09
C27 CLR G . 44.22 1.64 10.58
O1 CLR G . 58.10 -3.94 6.86
H11 CLR G . 54.09 -4.61 6.74
H12 CLR G . 54.04 -5.24 8.39
H21 CLR G . 56.42 -4.68 8.70
H22 CLR G . 56.19 -5.74 7.30
H3 CLR G . 56.36 -3.83 5.78
H41 CLR G . 56.93 -2.15 8.22
H42 CLR G . 56.77 -1.61 6.55
H6 CLR G . 55.13 -0.11 6.86
H71 CLR G . 52.55 -0.90 6.17
H72 CLR G . 52.82 0.44 7.30
H8 CLR G . 52.60 -1.02 9.18
H9 CLR G . 52.37 -3.13 6.98
H111 CLR G . 51.89 -4.78 8.54
H112 CLR G . 52.06 -3.69 9.90
H121 CLR G . 49.93 -3.74 7.83
H122 CLR G . 49.80 -4.14 9.55
H14 CLR G . 50.45 -1.54 7.09
H151 CLR G . 50.75 0.73 9.10
H152 CLR G . 50.32 0.81 7.35
H161 CLR G . 48.42 0.49 9.52
H162 CLR G . 48.07 0.23 7.80
H17 CLR G . 48.21 -2.06 7.99
H181 CLR G . 51.47 -1.78 10.70
H182 CLR G . 50.12 -0.67 10.81
H183 CLR G . 49.92 -2.36 11.25
H191 CLR G . 53.87 -2.28 10.24
H192 CLR G . 55.52 -2.74 9.83
H193 CLR G . 54.33 -3.99 10.20
H20 CLR G . 47.94 -1.39 10.96
H211 CLR G . 46.45 -3.56 10.66
H212 CLR G . 48.17 -3.69 11.00
H213 CLR G . 47.58 -3.87 9.33
H221 CLR G . 46.25 -0.41 9.15
H222 CLR G . 45.59 -2.04 9.27
H231 CLR G . 45.79 -1.71 11.83
H232 CLR G . 45.99 0.00 11.47
H241 CLR G . 43.63 -0.66 11.98
H242 CLR G . 43.66 -1.75 10.59
H25 CLR G . 43.98 0.14 9.08
H261 CLR G . 41.69 -0.46 9.61
H262 CLR G . 41.76 0.46 11.13
H263 CLR G . 41.80 1.31 9.57
H271 CLR G . 45.17 1.82 10.09
H272 CLR G . 43.54 2.46 10.34
H273 CLR G . 44.37 1.60 11.65
H1 CLR G . 58.34 -4.24 7.71
C1 CLR H . 51.15 14.86 -11.60
C2 CLR H . 52.68 14.94 -11.75
C3 CLR H . 53.38 13.84 -10.95
C4 CLR H . 52.88 12.49 -11.42
C5 CLR H . 51.37 12.39 -11.37
C6 CLR H . 50.86 11.21 -11.15
C7 CLR H . 49.41 11.05 -10.77
C8 CLR H . 48.51 12.01 -11.49
C9 CLR H . 49.09 13.45 -11.38
C10 CLR H . 50.53 13.51 -11.96
C11 CLR H . 48.16 14.39 -12.04
C12 CLR H . 46.78 14.40 -11.51
C13 CLR H . 46.16 12.97 -11.54
C14 CLR H . 47.15 12.05 -10.81
C15 CLR H . 46.42 10.69 -10.73
C16 CLR H . 44.93 11.23 -10.45
C17 CLR H . 44.94 12.76 -10.70
C18 CLR H . 45.89 12.54 -12.99
C19 CLR H . 50.54 13.37 -13.48
C20 CLR H . 43.60 13.21 -11.33
C21 CLR H . 43.63 14.69 -11.67
C22 CLR H . 42.47 13.00 -10.33
C23 CLR H . 41.14 12.83 -11.06
C24 CLR H . 40.05 12.48 -10.05
C25 CLR H . 39.17 13.69 -9.82
C26 CLR H . 38.00 13.28 -8.92
C27 CLR H . 39.95 14.80 -9.12
O1 CLR H . 54.76 13.93 -11.14
H11 CLR H . 50.90 15.07 -10.56
H12 CLR H . 50.71 15.62 -12.22
H21 CLR H . 52.94 14.82 -12.80
H22 CLR H . 53.02 15.91 -11.40
H3 CLR H . 53.15 13.96 -9.89
H41 CLR H . 53.20 12.35 -12.45
H42 CLR H . 53.31 11.72 -10.79
H6 CLR H . 51.49 10.33 -11.24
H71 CLR H . 49.32 11.21 -9.70
H72 CLR H . 49.11 10.04 -11.00
H8 CLR H . 48.42 11.71 -12.52
H9 CLR H . 49.13 13.70 -10.33
H111 CLR H . 48.55 15.40 -11.93
H112 CLR H . 48.11 14.17 -13.10
H121 CLR H . 46.79 14.76 -10.48
H122 CLR H . 46.18 15.05 -12.12
H14 CLR H . 47.29 12.42 -9.80
H151 CLR H . 46.48 10.15 -11.66
H152 CLR H . 46.78 10.11 -9.90
H161 CLR H . 44.24 10.75 -11.13
H162 CLR H . 44.65 11.03 -9.43
H17 CLR H . 45.09 13.26 -9.76
H181 CLR H . 45.38 11.58 -13.02
H182 CLR H . 45.27 13.28 -13.47
H183 CLR H . 46.82 12.47 -13.54
H191 CLR H . 50.16 14.28 -13.93
H192 CLR H . 49.94 12.53 -13.78
H193 CLR H . 51.56 13.22 -13.81
H20 CLR H . 43.40 12.64 -12.22
H211 CLR H . 44.01 14.84 -12.68
H212 CLR H . 44.27 15.21 -10.95
H213 CLR H . 42.62 15.10 -11.61
H221 CLR H . 42.66 12.11 -9.73
H222 CLR H . 42.42 13.86 -9.68
H231 CLR H . 40.89 13.75 -11.56
H232 CLR H . 41.23 12.03 -11.79
H241 CLR H . 40.50 12.18 -9.12
H242 CLR H . 39.45 11.67 -10.45
H25 CLR H . 38.77 14.05 -10.76
H261 CLR H . 37.51 12.41 -9.33
H262 CLR H . 38.37 13.05 -7.93
H263 CLR H . 37.29 14.10 -8.85
H271 CLR H . 40.50 15.37 -9.87
H272 CLR H . 39.26 15.45 -8.61
H273 CLR H . 40.64 14.36 -8.41
H1 CLR H . 55.02 14.83 -11.20
C1 PLM I . 14.87 0.80 -18.14
O1 PLM I . 14.39 1.60 -19.00
O2 PLM I . 14.95 -0.45 -18.20
C2 PLM I . 15.43 1.49 -16.85
C3 PLM I . 14.42 2.35 -16.07
C4 PLM I . 14.95 2.85 -14.72
C5 PLM I . 16.09 3.87 -14.84
C6 PLM I . 16.70 4.30 -13.49
C7 PLM I . 17.83 5.34 -13.62
C8 PLM I . 18.92 4.95 -14.63
C9 PLM I . 20.28 5.61 -14.36
CA PLM I . 21.36 5.24 -15.39
CB PLM I . 22.78 5.63 -14.96
CC PLM I . 23.83 5.45 -16.07
CD PLM I . 25.28 5.55 -15.57
CE PLM I . 26.32 5.37 -16.68
CF PLM I . 27.77 5.37 -16.18
CG PLM I . 28.80 5.20 -17.29
H21 PLM I . 15.84 0.70 -16.20
H22 PLM I . 16.29 2.11 -17.16
H31 PLM I . 14.13 3.20 -16.69
H32 PLM I . 13.51 1.77 -15.92
H41 PLM I . 15.29 2.01 -14.11
H42 PLM I . 14.12 3.32 -14.15
H51 PLM I . 16.88 3.45 -15.47
H52 PLM I . 15.72 4.77 -15.37
H61 PLM I . 17.07 3.41 -12.96
H62 PLM I . 15.90 4.72 -12.85
H71 PLM I . 17.41 6.31 -13.90
H72 PLM I . 18.29 5.49 -12.63
H81 PLM I . 19.04 3.86 -14.63
H82 PLM I . 18.58 5.21 -15.64
H91 PLM I . 20.63 5.33 -13.36
H92 PLM I . 20.15 6.71 -14.35
HA1 PLM I . 21.12 5.73 -16.35
HA2 PLM I . 21.32 4.16 -15.58
HB1 PLM I . 22.78 6.68 -14.64
HB2 PLM I . 23.06 5.04 -14.08
HC1 PLM I . 23.68 4.46 -16.55
HC2 PLM I . 23.66 6.19 -16.85
HD1 PLM I . 25.45 4.79 -14.79
HD2 PLM I . 25.42 6.53 -15.09
HE1 PLM I . 26.12 4.42 -17.22
HE2 PLM I . 26.19 6.18 -17.43
HF1 PLM I . 27.90 4.57 -15.43
HF2 PLM I . 27.96 6.32 -15.65
HG1 PLM I . 29.83 5.18 -16.90
HG2 PLM I . 28.64 4.26 -17.85
HG3 PLM I . 28.75 6.02 -18.02
C1 PLM J . 24.05 1.45 26.10
O1 PLM J . 24.00 0.29 25.61
O2 PLM J . 23.19 2.05 26.80
C2 PLM J . 25.39 2.22 25.80
C3 PLM J . 25.77 2.34 24.32
C4 PLM J . 27.02 3.20 24.06
C5 PLM J . 27.47 3.20 22.60
C6 PLM J . 28.76 3.99 22.34
C7 PLM J . 29.34 3.79 20.93
C8 PLM J . 28.57 4.52 19.82
C9 PLM J . 28.96 4.09 18.40
CA PLM J . 28.33 4.95 17.29
CB PLM J . 28.39 4.29 15.90
CC PLM J . 27.98 5.21 14.75
CD PLM J . 28.93 6.42 14.56
CE PLM J . 29.18 6.77 13.09
CF PLM J . 30.45 6.14 12.51
CG PLM J . 30.54 4.62 12.72
H21 PLM J . 26.19 1.72 26.36
H22 PLM J . 25.29 3.22 26.25
H31 PLM J . 25.90 1.34 23.90
H32 PLM J . 24.92 2.76 23.77
H41 PLM J . 26.84 4.23 24.39
H42 PLM J . 27.85 2.82 24.68
H51 PLM J . 26.66 3.61 21.97
H52 PLM J . 27.61 2.16 22.25
H61 PLM J . 29.51 3.70 23.08
H62 PLM J . 28.57 5.06 22.50
H71 PLM J . 30.38 4.12 20.92
H72 PLM J . 29.36 2.71 20.69
H81 PLM J . 27.49 4.37 19.96
H82 PLM J . 28.74 5.61 19.92
H91 PLM J . 28.67 3.04 18.25
H92 PLM J . 30.06 4.13 18.31
HA1 PLM J . 27.29 5.17 17.55
HA2 PLM J . 28.85 5.93 17.25
HB1 PLM J . 29.41 3.91 15.73
HB2 PLM J . 27.72 3.41 15.91
HC1 PLM J . 26.96 5.58 14.92
HC2 PLM J . 27.95 4.63 13.82
HD1 PLM J . 28.50 7.29 15.08
HD2 PLM J . 29.88 6.20 15.06
HE1 PLM J . 28.31 6.46 12.48
HE2 PLM J . 29.24 7.86 12.99
HF1 PLM J . 31.33 6.62 12.95
HF2 PLM J . 30.50 6.35 11.43
HG1 PLM J . 30.57 4.37 13.79
HG2 PLM J . 31.44 4.20 12.25
HG3 PLM J . 29.67 4.11 12.28
OH SRO K . 47.20 2.57 -5.62
CZ3 SRO K . 45.81 2.67 -5.60
CH2 SRO K . 45.22 3.95 -5.32
CZ2 SRO K . 43.70 3.96 -5.34
CE2 SRO K . 43.01 2.82 -5.59
NE1 SRO K . 41.68 2.53 -5.67
CD1 SRO K . 41.30 1.30 -5.94
CG SRO K . 42.49 0.64 -6.07
CD2 SRO K . 43.66 1.58 -5.86
CE3 SRO K . 45.02 1.52 -5.86
CB SRO K . 42.63 -0.84 -6.40
CA SRO K . 42.64 -1.65 -5.10
NZ SRO K . 42.76 -3.06 -5.41
HOH SRO K . 47.44 1.67 -5.42
HH2 SRO K . 45.80 4.84 -5.13
HZ2 SRO K . 43.14 4.87 -5.14
HNE1 SRO K . 41.00 3.24 -5.52
HD1 SRO K . 40.29 0.91 -6.03
HE3 SRO K . 45.52 0.58 -6.05
HB1 SRO K . 43.55 -1.02 -6.93
HB2 SRO K . 41.79 -1.16 -7.00
HA1 SRO K . 43.48 -1.35 -4.49
HA2 SRO K . 41.72 -1.47 -4.56
HNZ1 SRO K . 41.98 -3.35 -5.97
HNZ2 SRO K . 42.77 -3.60 -4.56
#